data_5QJY
#
_entry.id   5QJY
#
_cell.length_a   49.513
_cell.length_b   59.925
_cell.length_c   80.141
_cell.angle_alpha   79.300
_cell.angle_beta   81.430
_cell.angle_gamma   75.550
#
_symmetry.space_group_name_H-M   'P 1'
#
loop_
_entity.id
_entity.type
_entity.pdbx_description
1 polymer 'ADP-sugar pyrophosphatase'
2 non-polymer 'MAGNESIUM ION'
3 non-polymer 'CHLORIDE ION'
4 non-polymer N,N,3,5-tetramethyl-1H-pyrazole-4-sulfonamide
5 non-polymer 1,2-ETHANEDIOL
6 water water
#
_entity_poly.entity_id   1
_entity_poly.type   'polypeptide(L)'
_entity_poly.pdbx_seq_one_letter_code
;SMESQEPTESSQNGKQYIISEELISEGKWVKLEKTTYMDPTGKTRTWESVKRTTRKEQTADGVAVIPVLQRTLHYECIVL
VKQFRPPMGGYCIEFPAGLIDDGETPEAAALRELEEETGYKGDIAECSPAVCMDPGLSNCTIHIVTVTINGDDAENARPK
PKPGDGEFVEVISLPKNDLLQRLDALVAEEHLTVDARVYSYALALKHAN
;
_entity_poly.pdbx_strand_id   A,B,C,D
#
loop_
_chem_comp.id
_chem_comp.type
_chem_comp.name
_chem_comp.formula
CL non-polymer 'CHLORIDE ION' 'Cl -1'
EDO non-polymer 1,2-ETHANEDIOL 'C2 H6 O2'
K2S non-polymer N,N,3,5-tetramethyl-1H-pyrazole-4-sulfonamide 'C7 H13 N3 O2 S'
MG non-polymer 'MAGNESIUM ION' 'Mg 2'
#
# COMPACT_ATOMS: atom_id res chain seq x y z
N LYS A 15 18.09 -42.18 11.05
CA LYS A 15 18.55 -43.01 9.91
C LYS A 15 19.83 -42.45 9.30
N GLN A 16 19.83 -41.16 8.94
CA GLN A 16 21.00 -40.57 8.30
C GLN A 16 21.86 -39.82 9.29
N TYR A 17 23.16 -39.85 9.01
CA TYR A 17 24.15 -39.19 9.89
C TYR A 17 25.42 -38.89 9.14
N ILE A 18 26.17 -37.95 9.69
CA ILE A 18 27.46 -37.54 9.19
C ILE A 18 28.48 -38.63 9.55
N ILE A 19 29.38 -38.93 8.62
CA ILE A 19 30.52 -39.84 8.88
C ILE A 19 31.83 -39.10 9.14
N SER A 20 32.15 -38.17 8.26
CA SER A 20 33.38 -37.42 8.39
C SER A 20 33.18 -36.12 7.65
N GLU A 21 33.93 -35.09 8.06
CA GLU A 21 33.95 -33.81 7.37
C GLU A 21 35.44 -33.48 7.11
N GLU A 22 35.81 -33.36 5.84
CA GLU A 22 37.18 -33.15 5.38
C GLU A 22 37.29 -31.74 4.83
N LEU A 23 38.19 -30.91 5.38
CA LEU A 23 38.39 -29.55 4.86
C LEU A 23 38.84 -29.61 3.39
N ILE A 24 38.27 -28.78 2.53
CA ILE A 24 38.75 -28.60 1.16
C ILE A 24 39.52 -27.29 1.01
N SER A 25 39.06 -26.22 1.66
CA SER A 25 39.76 -24.95 1.64
C SER A 25 39.20 -23.99 2.69
N GLU A 26 40.06 -23.44 3.53
CA GLU A 26 39.67 -22.54 4.59
C GLU A 26 40.18 -21.15 4.19
N GLY A 27 39.27 -20.18 4.15
CA GLY A 27 39.59 -18.75 4.09
C GLY A 27 39.61 -18.15 5.48
N LYS A 28 39.69 -16.82 5.57
CA LYS A 28 39.54 -16.13 6.88
C LYS A 28 38.14 -16.20 7.48
N TRP A 29 37.13 -16.25 6.62
CA TRP A 29 35.72 -16.10 7.00
C TRP A 29 34.81 -17.27 6.62
N VAL A 30 35.13 -17.97 5.52
CA VAL A 30 34.36 -19.15 5.03
C VAL A 30 35.31 -20.32 4.73
N LYS A 31 34.87 -21.54 5.04
CA LYS A 31 35.50 -22.77 4.59
C LYS A 31 34.55 -23.71 3.81
N LEU A 32 35.16 -24.51 2.97
CA LEU A 32 34.52 -25.46 2.11
C LEU A 32 34.98 -26.86 2.57
N GLU A 33 34.04 -27.79 2.75
CA GLU A 33 34.30 -29.14 3.34
C GLU A 33 33.68 -30.17 2.44
N LYS A 34 34.32 -31.37 2.30
CA LYS A 34 33.68 -32.58 1.73
C LYS A 34 33.07 -33.29 2.90
N THR A 35 31.76 -33.48 2.86
CA THR A 35 31.07 -34.09 3.96
C THR A 35 30.76 -35.50 3.51
N THR A 36 30.93 -36.49 4.38
CA THR A 36 30.64 -37.87 4.02
C THR A 36 29.58 -38.30 5.01
N TYR A 37 28.48 -38.85 4.50
CA TYR A 37 27.33 -39.18 5.33
C TYR A 37 26.72 -40.52 4.96
N MET A 38 25.90 -41.04 5.87
CA MET A 38 25.18 -42.29 5.65
C MET A 38 23.81 -41.98 5.07
N ASP A 39 23.52 -42.56 3.91
CA ASP A 39 22.18 -42.37 3.31
C ASP A 39 21.23 -43.38 3.95
N PRO A 40 19.93 -43.17 3.78
CA PRO A 40 18.99 -44.07 4.45
C PRO A 40 18.82 -45.44 3.77
N THR A 41 19.56 -45.74 2.68
CA THR A 41 19.71 -47.15 2.19
C THR A 41 20.85 -47.94 2.86
N GLY A 42 21.71 -47.28 3.63
CA GLY A 42 22.94 -47.88 4.19
C GLY A 42 24.19 -47.59 3.36
N LYS A 43 24.05 -46.80 2.30
CA LYS A 43 25.16 -46.42 1.45
C LYS A 43 25.80 -45.08 1.92
N THR A 44 27.13 -45.09 2.02
CA THR A 44 27.98 -43.88 2.05
C THR A 44 27.77 -42.96 0.79
N ARG A 45 27.57 -41.65 1.02
CA ARG A 45 27.62 -40.62 -0.05
C ARG A 45 28.33 -39.35 0.45
N THR A 46 28.67 -38.48 -0.49
CA THR A 46 29.40 -37.23 -0.20
C THR A 46 28.63 -35.98 -0.68
N TRP A 47 29.08 -34.83 -0.21
CA TRP A 47 28.42 -33.54 -0.44
C TRP A 47 29.37 -32.42 -0.03
N GLU A 48 29.60 -31.44 -0.90
CA GLU A 48 30.39 -30.27 -0.53
C GLU A 48 29.55 -29.25 0.23
N SER A 49 30.06 -28.84 1.39
CA SER A 49 29.32 -28.03 2.36
C SER A 49 30.16 -26.83 2.81
N VAL A 50 29.47 -25.70 2.97
CA VAL A 50 30.12 -24.44 3.32
C VAL A 50 29.84 -24.17 4.78
N LYS A 51 30.83 -23.65 5.47
CA LYS A 51 30.63 -23.18 6.81
C LYS A 51 31.39 -21.88 7.06
N ARG A 52 30.87 -21.06 7.97
CA ARG A 52 31.63 -19.96 8.54
C ARG A 52 32.87 -20.50 9.29
N THR A 53 33.94 -19.70 9.35
CA THR A 53 35.13 -20.08 10.12
C THR A 53 35.01 -19.81 11.63
N THR A 54 34.18 -18.83 11.99
CA THR A 54 34.23 -18.21 13.32
C THR A 54 33.24 -18.77 14.35
N ARG A 55 32.15 -19.40 13.90
CA ARG A 55 31.14 -20.01 14.81
C ARG A 55 31.76 -20.63 16.05
N LYS A 56 31.44 -20.07 17.21
CA LYS A 56 32.00 -20.52 18.48
C LYS A 56 30.90 -21.21 19.28
N GLU A 57 30.42 -20.58 20.35
CA GLU A 57 29.43 -21.17 21.27
C GLU A 57 28.03 -20.57 21.01
N GLN A 58 27.86 -19.79 19.94
CA GLN A 58 26.55 -19.23 19.64
C GLN A 58 25.57 -20.32 19.22
N THR A 59 24.33 -20.08 19.59
CA THR A 59 23.18 -20.85 19.12
C THR A 59 23.00 -20.72 17.61
N ALA A 60 23.67 -19.73 16.98
CA ALA A 60 23.63 -19.49 15.55
C ALA A 60 24.70 -18.53 15.15
N ASP A 61 24.93 -18.45 13.86
CA ASP A 61 25.85 -17.46 13.32
C ASP A 61 25.42 -16.01 13.58
N GLY A 62 24.11 -15.78 13.43
CA GLY A 62 23.59 -14.45 13.10
C GLY A 62 22.18 -14.21 13.61
N VAL A 63 21.72 -12.97 13.46
CA VAL A 63 20.34 -12.66 13.66
C VAL A 63 19.85 -11.82 12.48
N ALA A 64 18.57 -11.96 12.17
CA ALA A 64 17.85 -11.00 11.33
C ALA A 64 16.66 -10.44 12.15
N VAL A 65 16.37 -9.17 11.98
CA VAL A 65 15.44 -8.48 12.78
C VAL A 65 14.23 -8.13 11.93
N ILE A 66 13.05 -8.47 12.44
CA ILE A 66 11.80 -8.05 11.85
C ILE A 66 11.33 -6.86 12.66
N PRO A 67 11.52 -5.67 12.13
CA PRO A 67 11.35 -4.49 12.94
C PRO A 67 10.04 -3.77 12.53
N VAL A 68 9.09 -3.82 13.43
CA VAL A 68 7.72 -3.30 13.21
C VAL A 68 7.60 -1.93 13.78
N LEU A 69 7.69 -0.94 12.92
CA LEU A 69 7.68 0.40 13.35
C LEU A 69 6.25 0.77 13.57
N GLN A 70 5.93 1.14 14.83
CA GLN A 70 4.56 1.55 15.27
C GLN A 70 4.55 3.03 15.64
N ARG A 71 3.60 3.79 15.09
CA ARG A 71 3.39 5.20 15.43
C ARG A 71 1.93 5.50 15.41
N THR A 72 1.50 6.41 16.29
CA THR A 72 0.04 6.67 16.40
C THR A 72 -0.40 7.31 15.08
N LEU A 73 -1.52 6.84 14.56
CA LEU A 73 -2.14 7.42 13.33
C LEU A 73 -1.22 7.24 12.11
N HIS A 74 -0.36 6.20 12.16
CA HIS A 74 0.35 5.64 10.97
C HIS A 74 0.02 4.18 10.85
N TYR A 75 0.07 3.72 9.62
CA TYR A 75 0.00 2.32 9.37
C TYR A 75 1.35 1.72 9.87
N GLU A 76 1.36 0.49 10.38
CA GLU A 76 2.64 -0.16 10.77
C GLU A 76 3.55 -0.33 9.61
N CYS A 77 4.83 0.06 9.76
CA CYS A 77 5.85 -0.24 8.75
C CYS A 77 6.76 -1.37 9.14
N ILE A 78 7.29 -2.06 8.13
CA ILE A 78 8.45 -2.96 8.28
C ILE A 78 9.68 -2.22 7.88
N VAL A 79 10.68 -2.21 8.77
CA VAL A 79 11.92 -1.50 8.49
C VAL A 79 12.92 -2.45 7.78
N LEU A 80 13.41 -2.04 6.61
CA LEU A 80 14.32 -2.85 5.83
C LEU A 80 15.56 -2.10 5.56
N VAL A 81 16.60 -2.82 5.16
CA VAL A 81 17.89 -2.17 4.83
C VAL A 81 18.33 -2.48 3.43
N LYS A 82 18.98 -1.50 2.78
CA LYS A 82 19.58 -1.65 1.44
C LYS A 82 21.08 -1.44 1.51
N GLN A 83 21.82 -2.43 1.01
CA GLN A 83 23.27 -2.49 1.09
C GLN A 83 23.86 -3.15 -0.14
N PHE A 84 25.11 -2.79 -0.41
CA PHE A 84 25.87 -3.52 -1.41
C PHE A 84 26.36 -4.83 -0.81
N ARG A 85 26.13 -5.90 -1.52
CA ARG A 85 26.48 -7.25 -1.09
C ARG A 85 27.50 -7.79 -2.12
N PRO A 86 28.77 -7.82 -1.73
CA PRO A 86 29.77 -8.26 -2.70
C PRO A 86 29.55 -9.64 -3.34
N PRO A 87 29.06 -10.66 -2.60
CA PRO A 87 28.73 -11.97 -3.22
C PRO A 87 27.72 -11.95 -4.33
N MET A 88 26.71 -11.09 -4.17
CA MET A 88 25.73 -10.83 -5.19
C MET A 88 26.17 -9.91 -6.32
N GLY A 89 27.25 -9.14 -6.16
CA GLY A 89 27.59 -8.10 -7.13
C GLY A 89 26.56 -6.98 -7.31
N GLY A 90 25.88 -6.57 -6.24
CA GLY A 90 24.77 -5.63 -6.39
C GLY A 90 24.09 -5.29 -5.05
N TYR A 91 23.10 -4.43 -5.14
CA TYR A 91 22.36 -3.98 -3.97
C TYR A 91 21.22 -4.96 -3.61
N CYS A 92 21.02 -5.19 -2.31
CA CYS A 92 20.04 -6.14 -1.86
C CYS A 92 19.20 -5.46 -0.80
N ILE A 93 17.92 -5.84 -0.72
CA ILE A 93 17.00 -5.29 0.30
C ILE A 93 16.69 -6.40 1.27
N GLU A 94 17.00 -6.18 2.55
CA GLU A 94 16.97 -7.24 3.56
C GLU A 94 16.40 -6.75 4.91
N PHE A 95 16.02 -7.70 5.78
CA PHE A 95 15.84 -7.42 7.17
C PHE A 95 17.22 -7.00 7.68
N PRO A 96 17.26 -6.03 8.58
CA PRO A 96 18.47 -5.69 9.31
C PRO A 96 18.99 -6.97 9.99
N ALA A 97 20.30 -7.10 10.00
CA ALA A 97 20.89 -8.36 10.35
C ALA A 97 22.36 -8.25 10.58
N GLY A 98 22.87 -9.11 11.46
CA GLY A 98 24.29 -9.19 11.74
C GLY A 98 24.66 -10.42 12.55
N LEU A 99 25.96 -10.62 12.66
CA LEU A 99 26.50 -11.81 13.29
C LEU A 99 26.40 -11.59 14.81
N ILE A 100 26.19 -12.67 15.54
CA ILE A 100 26.14 -12.62 17.00
C ILE A 100 27.59 -12.58 17.47
N ASP A 101 27.95 -11.57 18.26
CA ASP A 101 29.34 -11.46 18.87
C ASP A 101 29.49 -12.58 19.88
N ASP A 102 30.73 -13.05 20.14
CA ASP A 102 30.93 -14.12 21.19
C ASP A 102 30.33 -13.64 22.54
N GLY A 103 29.49 -14.44 23.16
CA GLY A 103 28.91 -14.17 24.45
C GLY A 103 27.67 -13.33 24.37
N GLU A 104 27.36 -12.80 23.21
CA GLU A 104 26.19 -11.96 23.09
C GLU A 104 24.94 -12.83 22.94
N THR A 105 23.84 -12.45 23.52
CA THR A 105 22.57 -13.11 23.28
C THR A 105 21.99 -12.76 21.83
N PRO A 106 21.18 -13.65 21.24
CA PRO A 106 20.48 -13.28 19.95
C PRO A 106 19.69 -11.96 20.14
N GLU A 107 18.98 -11.82 21.23
CA GLU A 107 18.19 -10.61 21.52
C GLU A 107 19.01 -9.35 21.59
N ALA A 108 20.14 -9.39 22.30
CA ALA A 108 21.08 -8.24 22.34
C ALA A 108 21.67 -7.96 20.97
N ALA A 109 22.08 -9.02 20.25
CA ALA A 109 22.65 -8.84 18.93
C ALA A 109 21.64 -8.20 17.97
N ALA A 110 20.37 -8.64 18.01
CA ALA A 110 19.25 -8.08 17.22
C ALA A 110 19.02 -6.61 17.53
N LEU A 111 18.82 -6.30 18.79
CA LEU A 111 18.67 -4.87 19.16
C LEU A 111 19.88 -4.02 18.78
N ARG A 112 21.09 -4.53 18.95
CA ARG A 112 22.30 -3.79 18.60
C ARG A 112 22.39 -3.59 17.10
N GLU A 113 22.24 -4.66 16.36
CA GLU A 113 22.29 -4.52 14.91
C GLU A 113 21.22 -3.61 14.36
N LEU A 114 20.00 -3.69 14.89
CA LEU A 114 18.97 -2.77 14.45
C LEU A 114 19.37 -1.30 14.70
N GLU A 115 19.92 -1.01 15.88
CA GLU A 115 20.30 0.39 16.15
C GLU A 115 21.46 0.79 15.29
N GLU A 116 22.46 -0.09 15.11
CA GLU A 116 23.63 0.28 14.26
C GLU A 116 23.24 0.54 12.80
N GLU A 117 22.37 -0.32 12.26
CA GLU A 117 22.01 -0.24 10.84
C GLU A 117 20.89 0.77 10.52
N THR A 118 19.96 0.98 11.45
CA THR A 118 18.83 1.87 11.25
C THR A 118 18.71 3.06 12.14
N GLY A 119 19.45 3.12 13.22
CA GLY A 119 19.23 4.15 14.22
C GLY A 119 18.09 3.87 15.20
N TYR A 120 17.16 2.96 14.88
CA TYR A 120 16.09 2.76 15.82
C TYR A 120 16.46 1.92 17.02
N LYS A 121 15.86 2.29 18.18
CA LYS A 121 15.85 1.49 19.39
C LYS A 121 14.56 0.72 19.59
N GLY A 122 14.66 -0.58 19.41
CA GLY A 122 13.52 -1.41 19.47
C GLY A 122 13.22 -2.03 20.82
N ASP A 123 12.10 -2.73 20.88
CA ASP A 123 11.72 -3.57 22.05
C ASP A 123 11.50 -4.99 21.57
N ILE A 124 12.18 -5.96 22.18
CA ILE A 124 11.97 -7.36 21.87
C ILE A 124 10.48 -7.74 21.90
N ALA A 125 10.02 -8.41 20.86
CA ALA A 125 8.69 -9.07 20.91
C ALA A 125 8.85 -10.56 20.95
N GLU A 126 9.69 -11.11 20.08
CA GLU A 126 9.88 -12.56 20.07
C GLU A 126 11.16 -12.95 19.37
N CYS A 127 11.56 -14.18 19.60
CA CYS A 127 12.85 -14.66 19.17
C CYS A 127 12.72 -16.10 18.80
N SER A 128 13.05 -16.39 17.56
CA SER A 128 12.90 -17.72 16.99
C SER A 128 14.01 -18.66 17.47
N PRO A 129 13.78 -19.96 17.38
CA PRO A 129 14.90 -20.90 17.34
C PRO A 129 15.83 -20.62 16.16
N ALA A 130 17.02 -21.19 16.23
CA ALA A 130 17.98 -21.15 15.15
C ALA A 130 17.37 -21.80 13.92
N VAL A 131 17.40 -21.06 12.78
CA VAL A 131 16.75 -21.53 11.53
C VAL A 131 17.79 -21.45 10.43
N CYS A 132 17.77 -22.38 9.47
CA CYS A 132 18.78 -22.52 8.47
C CYS A 132 18.60 -21.56 7.31
N MET A 133 19.73 -21.05 6.86
CA MET A 133 19.78 -20.09 5.81
C MET A 133 19.72 -20.69 4.40
N ASP A 134 20.38 -21.84 4.18
CA ASP A 134 20.42 -22.45 2.84
C ASP A 134 20.99 -23.85 3.05
N PRO A 135 20.17 -24.77 3.54
CA PRO A 135 20.69 -25.93 4.20
C PRO A 135 21.24 -27.00 3.22
N GLY A 136 20.89 -26.92 1.93
CA GLY A 136 21.54 -27.66 0.88
C GLY A 136 22.95 -27.23 0.59
N LEU A 137 23.29 -26.04 1.05
CA LEU A 137 24.58 -25.44 0.81
C LEU A 137 25.47 -25.30 2.03
N SER A 138 24.93 -24.75 3.11
CA SER A 138 25.73 -24.38 4.25
C SER A 138 25.09 -24.77 5.56
N ASN A 139 25.87 -24.75 6.61
CA ASN A 139 25.33 -24.93 7.95
C ASN A 139 24.85 -23.60 8.56
N CYS A 140 24.80 -22.53 7.81
CA CYS A 140 24.53 -21.22 8.42
C CYS A 140 23.15 -21.09 9.06
N THR A 141 23.11 -20.44 10.22
CA THR A 141 21.85 -20.28 10.89
C THR A 141 21.71 -18.90 11.46
N ILE A 142 20.44 -18.50 11.63
CA ILE A 142 20.08 -17.31 12.38
C ILE A 142 19.00 -17.54 13.36
N HIS A 143 18.89 -16.62 14.35
CA HIS A 143 17.61 -16.39 14.99
C HIS A 143 16.93 -15.24 14.30
N ILE A 144 15.64 -15.42 14.06
CA ILE A 144 14.80 -14.39 13.54
C ILE A 144 14.17 -13.73 14.72
N VAL A 145 14.54 -12.48 14.96
CA VAL A 145 14.02 -11.76 16.13
C VAL A 145 13.05 -10.68 15.76
N THR A 146 11.81 -10.77 16.22
CA THR A 146 10.76 -9.74 15.99
C THR A 146 10.88 -8.68 17.05
N VAL A 147 10.93 -7.42 16.61
CA VAL A 147 11.12 -6.31 17.48
C VAL A 147 10.10 -5.25 17.09
N THR A 148 9.48 -4.60 18.06
CA THR A 148 8.63 -3.46 17.80
C THR A 148 9.40 -2.20 18.13
N ILE A 149 9.23 -1.17 17.33
CA ILE A 149 9.86 0.10 17.49
C ILE A 149 8.72 1.07 17.83
N ASN A 150 8.89 1.80 18.96
CA ASN A 150 7.93 2.83 19.31
C ASN A 150 8.36 4.07 18.57
N GLY A 151 7.70 4.32 17.42
CA GLY A 151 8.05 5.50 16.63
C GLY A 151 7.56 6.80 17.26
N ASP A 152 6.64 6.73 18.23
CA ASP A 152 6.25 7.96 18.98
C ASP A 152 7.29 8.39 20.06
N ASP A 153 8.25 7.52 20.41
CA ASP A 153 9.24 7.86 21.42
C ASP A 153 10.29 8.80 20.84
N ALA A 154 10.70 9.80 21.62
CA ALA A 154 11.71 10.80 21.19
C ALA A 154 13.06 10.19 20.76
N GLU A 155 13.43 9.08 21.42
CA GLU A 155 14.60 8.30 21.05
C GLU A 155 14.58 7.97 19.57
N ASN A 156 13.40 7.66 19.06
CA ASN A 156 13.25 7.23 17.67
C ASN A 156 12.82 8.31 16.72
N ALA A 157 13.07 9.56 17.10
CA ALA A 157 12.51 10.69 16.34
C ALA A 157 13.36 10.93 15.10
N ARG A 158 14.63 11.26 15.29
CA ARG A 158 15.53 11.48 14.16
C ARG A 158 16.65 10.43 14.30
N PRO A 159 16.34 9.16 14.00
CA PRO A 159 17.27 8.07 14.23
C PRO A 159 18.53 8.13 13.31
N LYS A 160 19.72 8.18 13.92
CA LYS A 160 21.00 8.22 13.21
C LYS A 160 21.61 6.81 13.18
N PRO A 161 21.73 6.17 11.98
CA PRO A 161 22.55 4.92 11.88
C PRO A 161 24.02 5.07 12.33
N LYS A 162 24.54 4.13 13.12
CA LYS A 162 25.97 4.01 13.43
C LYS A 162 26.57 2.90 12.60
N PRO A 163 26.79 3.15 11.28
CA PRO A 163 27.42 2.08 10.50
C PRO A 163 28.83 1.74 11.07
N GLY A 164 29.17 0.45 11.08
CA GLY A 164 30.49 0.00 11.51
C GLY A 164 31.52 0.28 10.43
N ASP A 165 32.74 -0.20 10.65
CA ASP A 165 33.82 -0.07 9.66
C ASP A 165 33.42 -0.85 8.36
N GLY A 166 33.44 -0.15 7.23
CA GLY A 166 33.08 -0.74 5.93
C GLY A 166 31.60 -1.11 5.77
N GLU A 167 30.74 -0.54 6.62
CA GLU A 167 29.30 -0.81 6.60
C GLU A 167 28.69 0.42 6.03
N PHE A 168 27.76 0.25 5.07
CA PHE A 168 27.09 1.37 4.40
C PHE A 168 25.64 1.00 4.03
N VAL A 169 24.72 1.45 4.88
CA VAL A 169 23.34 1.02 4.90
C VAL A 169 22.36 2.18 4.71
N GLU A 170 21.39 1.97 3.83
CA GLU A 170 20.20 2.86 3.67
C GLU A 170 18.98 2.17 4.30
N VAL A 171 18.09 2.95 4.90
CA VAL A 171 16.91 2.47 5.57
C VAL A 171 15.71 2.64 4.66
N ILE A 172 14.93 1.59 4.55
CA ILE A 172 13.69 1.68 3.78
C ILE A 172 12.54 1.12 4.60
N SER A 173 11.62 1.99 4.98
CA SER A 173 10.43 1.63 5.78
C SER A 173 9.20 1.49 4.95
N LEU A 174 8.60 0.33 4.88
CA LEU A 174 7.47 0.11 3.97
C LEU A 174 6.27 -0.34 4.76
N PRO A 175 5.07 0.13 4.35
CA PRO A 175 3.88 -0.25 5.08
C PRO A 175 3.64 -1.70 5.02
N LYS A 176 3.39 -2.24 6.19
CA LYS A 176 3.07 -3.66 6.32
C LYS A 176 1.90 -4.11 5.45
N ASN A 177 0.89 -3.25 5.36
CA ASN A 177 -0.31 -3.52 4.64
C ASN A 177 -0.14 -3.48 3.13
N ASP A 178 0.98 -3.04 2.63
CA ASP A 178 1.22 -3.12 1.18
C ASP A 178 2.63 -3.59 0.86
N LEU A 179 3.21 -4.40 1.74
CA LEU A 179 4.65 -4.63 1.61
C LEU A 179 5.07 -5.27 0.25
N LEU A 180 4.40 -6.31 -0.18
CA LEU A 180 4.80 -6.98 -1.38
C LEU A 180 4.71 -6.06 -2.60
N GLN A 181 3.61 -5.28 -2.71
CA GLN A 181 3.47 -4.39 -3.85
C GLN A 181 4.53 -3.34 -3.79
N ARG A 182 4.87 -2.87 -2.60
CA ARG A 182 5.94 -1.89 -2.51
C ARG A 182 7.36 -2.38 -2.83
N LEU A 183 7.69 -3.60 -2.43
CA LEU A 183 8.88 -4.34 -2.89
C LEU A 183 8.93 -4.57 -4.44
N ASP A 184 7.82 -5.00 -5.00
CA ASP A 184 7.72 -5.11 -6.49
C ASP A 184 7.98 -3.76 -7.15
N ALA A 185 7.44 -2.69 -6.61
CA ALA A 185 7.66 -1.37 -7.20
C ALA A 185 9.12 -0.94 -7.12
N LEU A 186 9.79 -1.23 -5.98
CA LEU A 186 11.24 -0.99 -5.92
C LEU A 186 12.12 -1.76 -6.91
N VAL A 187 11.77 -3.03 -7.11
CA VAL A 187 12.50 -3.90 -8.00
C VAL A 187 12.24 -3.47 -9.44
N ALA A 188 10.99 -3.05 -9.74
CA ALA A 188 10.69 -2.58 -11.11
C ALA A 188 11.46 -1.29 -11.46
N GLU A 189 11.82 -0.48 -10.45
CA GLU A 189 12.53 0.80 -10.64
C GLU A 189 14.11 0.84 -10.71
N GLU A 190 14.76 -0.16 -10.12
CA GLU A 190 16.23 -0.32 -10.20
C GLU A 190 16.64 -1.78 -10.20
N HIS A 191 17.88 -2.06 -10.62
CA HIS A 191 18.49 -3.37 -10.41
C HIS A 191 18.77 -3.54 -8.92
N LEU A 192 17.97 -4.38 -8.26
CA LEU A 192 18.31 -4.82 -6.90
C LEU A 192 17.62 -6.13 -6.71
N THR A 193 17.99 -6.83 -5.65
CA THR A 193 17.47 -8.14 -5.33
C THR A 193 16.80 -8.04 -3.96
N VAL A 194 15.63 -8.62 -3.86
CA VAL A 194 15.00 -8.68 -2.59
C VAL A 194 15.44 -9.99 -1.94
N ASP A 195 15.71 -9.92 -0.65
CA ASP A 195 16.02 -11.15 0.09
C ASP A 195 14.90 -12.13 0.17
N ALA A 196 15.25 -13.41 0.04
CA ALA A 196 14.21 -14.44 0.13
C ALA A 196 13.39 -14.51 1.42
N ARG A 197 13.97 -14.18 2.57
CA ARG A 197 13.14 -14.13 3.81
C ARG A 197 12.21 -12.93 3.77
N VAL A 198 12.68 -11.77 3.30
CA VAL A 198 11.78 -10.62 3.14
C VAL A 198 10.60 -10.94 2.21
N TYR A 199 10.88 -11.61 1.09
CA TYR A 199 9.86 -11.85 0.06
C TYR A 199 8.88 -12.86 0.63
N SER A 200 9.37 -13.86 1.32
CA SER A 200 8.50 -14.83 1.99
C SER A 200 7.53 -14.22 3.01
N TYR A 201 8.05 -13.28 3.79
CA TYR A 201 7.27 -12.55 4.78
C TYR A 201 6.20 -11.69 4.06
N ALA A 202 6.59 -10.93 3.05
CA ALA A 202 5.64 -10.14 2.24
C ALA A 202 4.54 -10.99 1.57
N LEU A 203 4.92 -12.09 0.97
CA LEU A 203 3.95 -13.06 0.42
C LEU A 203 2.94 -13.57 1.51
N ALA A 204 3.44 -13.97 2.69
CA ALA A 204 2.50 -14.44 3.74
C ALA A 204 1.56 -13.30 4.21
N LEU A 205 2.01 -12.05 4.24
CA LEU A 205 1.13 -10.94 4.58
C LEU A 205 0.00 -10.81 3.49
N LYS A 206 0.33 -11.07 2.22
CA LYS A 206 -0.70 -11.13 1.17
C LYS A 206 -1.56 -12.35 1.37
N HIS A 207 -0.97 -13.54 1.56
CA HIS A 207 -1.78 -14.74 1.60
C HIS A 207 -2.69 -14.82 2.84
N ALA A 208 -2.43 -14.08 3.91
CA ALA A 208 -3.25 -14.32 5.09
C ALA A 208 -4.66 -13.71 4.85
N LYS B 15 27.55 3.71 -6.57
CA LYS B 15 28.77 4.04 -5.77
C LYS B 15 29.62 2.75 -5.68
N GLN B 16 29.02 1.60 -5.34
CA GLN B 16 29.76 0.34 -5.14
C GLN B 16 29.70 -0.64 -6.31
N TYR B 17 30.72 -1.46 -6.44
CA TYR B 17 30.80 -2.36 -7.61
C TYR B 17 31.96 -3.31 -7.43
N ILE B 18 31.95 -4.34 -8.23
CA ILE B 18 32.95 -5.40 -8.18
C ILE B 18 34.12 -4.95 -9.07
N ILE B 19 35.34 -5.15 -8.62
CA ILE B 19 36.53 -4.89 -9.41
C ILE B 19 36.99 -6.22 -10.00
N SER B 20 37.25 -7.19 -9.14
CA SER B 20 37.69 -8.51 -9.58
C SER B 20 37.31 -9.61 -8.61
N GLU B 21 37.34 -10.84 -9.14
CA GLU B 21 37.14 -12.05 -8.39
C GLU B 21 38.39 -12.93 -8.56
N GLU B 22 38.76 -13.62 -7.51
CA GLU B 22 39.86 -14.55 -7.55
C GLU B 22 39.31 -15.85 -7.06
N LEU B 23 39.32 -16.87 -7.91
CA LEU B 23 39.10 -18.21 -7.42
C LEU B 23 39.99 -18.57 -6.21
N ILE B 24 39.40 -18.99 -5.11
CA ILE B 24 40.18 -19.56 -4.00
C ILE B 24 40.16 -21.09 -4.13
N SER B 25 39.07 -21.69 -4.64
CA SER B 25 38.92 -23.14 -4.59
C SER B 25 37.58 -23.51 -5.23
N GLU B 26 37.61 -24.44 -6.19
CA GLU B 26 36.45 -24.86 -6.94
C GLU B 26 36.26 -26.33 -6.73
N GLY B 27 35.15 -26.72 -6.11
CA GLY B 27 34.79 -28.11 -5.98
C GLY B 27 33.98 -28.51 -7.19
N LYS B 28 33.43 -29.72 -7.15
CA LYS B 28 32.53 -30.18 -8.18
C LYS B 28 31.24 -29.36 -8.21
N TRP B 29 30.79 -28.91 -7.02
CA TRP B 29 29.49 -28.26 -6.86
C TRP B 29 29.51 -26.83 -6.26
N VAL B 30 30.61 -26.45 -5.61
CA VAL B 30 30.69 -25.20 -4.85
C VAL B 30 32.01 -24.56 -5.18
N LYS B 31 32.04 -23.24 -5.36
CA LYS B 31 33.35 -22.53 -5.38
C LYS B 31 33.40 -21.37 -4.37
N LEU B 32 34.61 -21.13 -3.89
CA LEU B 32 34.92 -20.09 -2.94
C LEU B 32 35.81 -19.07 -3.63
N GLU B 33 35.36 -17.80 -3.70
CA GLU B 33 36.08 -16.68 -4.35
C GLU B 33 36.49 -15.58 -3.41
N LYS B 34 37.50 -14.80 -3.79
CA LYS B 34 37.88 -13.60 -3.04
C LYS B 34 37.53 -12.46 -3.92
N THR B 35 36.54 -11.68 -3.48
CA THR B 35 35.95 -10.63 -4.29
C THR B 35 36.54 -9.30 -3.89
N THR B 36 37.03 -8.55 -4.88
CA THR B 36 37.52 -7.18 -4.55
C THR B 36 36.49 -6.17 -5.00
N TYR B 37 36.14 -5.21 -4.14
CA TYR B 37 35.08 -4.28 -4.47
C TYR B 37 35.45 -2.88 -3.97
N MET B 38 34.76 -1.92 -4.55
CA MET B 38 34.97 -0.51 -4.26
C MET B 38 33.90 -0.14 -3.23
N ASP B 39 34.36 0.31 -2.07
CA ASP B 39 33.44 0.78 -1.06
C ASP B 39 33.03 2.19 -1.49
N PRO B 40 31.98 2.74 -0.89
CA PRO B 40 31.48 3.99 -1.41
C PRO B 40 32.36 5.19 -1.06
N THR B 41 33.32 5.06 -0.13
CA THR B 41 34.35 6.11 0.02
C THR B 41 35.38 6.14 -1.14
N GLY B 42 35.55 5.04 -1.88
CA GLY B 42 36.68 4.93 -2.84
C GLY B 42 37.84 4.09 -2.29
N LYS B 43 37.61 3.44 -1.15
CA LYS B 43 38.57 2.47 -0.62
C LYS B 43 38.23 1.10 -1.20
N THR B 44 39.27 0.37 -1.55
CA THR B 44 39.18 -0.95 -2.14
C THR B 44 39.06 -1.96 -1.01
N ARG B 45 38.12 -2.92 -1.09
CA ARG B 45 38.00 -3.97 -0.02
C ARG B 45 37.73 -5.32 -0.61
N THR B 46 37.87 -6.37 0.21
CA THR B 46 37.78 -7.77 -0.19
C THR B 46 36.68 -8.53 0.58
N TRP B 47 36.10 -9.51 -0.06
CA TRP B 47 35.00 -10.26 0.51
C TRP B 47 35.14 -11.73 0.11
N GLU B 48 34.87 -12.62 1.06
CA GLU B 48 34.90 -14.05 0.74
C GLU B 48 33.46 -14.45 0.40
N SER B 49 33.30 -15.01 -0.78
CA SER B 49 32.01 -15.26 -1.38
C SER B 49 31.94 -16.70 -1.84
N VAL B 50 30.76 -17.26 -1.82
CA VAL B 50 30.53 -18.59 -2.35
C VAL B 50 29.61 -18.49 -3.53
N LYS B 51 29.80 -19.37 -4.51
CA LYS B 51 28.86 -19.49 -5.60
C LYS B 51 28.74 -20.96 -5.94
N ARG B 52 27.61 -21.35 -6.52
CA ARG B 52 27.46 -22.69 -7.09
C ARG B 52 28.05 -22.71 -8.50
N THR B 53 28.58 -23.86 -8.88
CA THR B 53 29.15 -24.05 -10.21
C THR B 53 28.08 -24.55 -11.22
N THR B 54 26.84 -24.76 -10.76
CA THR B 54 25.71 -25.27 -11.56
C THR B 54 24.92 -24.25 -12.38
N ARG B 55 25.14 -22.96 -12.24
CA ARG B 55 24.23 -22.02 -12.86
C ARG B 55 24.51 -21.67 -14.34
N LYS B 56 23.45 -21.50 -15.15
CA LYS B 56 23.49 -21.13 -16.62
C LYS B 56 23.41 -19.64 -16.96
N GLN B 58 20.18 -19.39 -16.69
CA GLN B 58 19.23 -19.47 -15.58
C GLN B 58 18.88 -18.10 -15.00
N THR B 59 17.58 -17.92 -14.77
CA THR B 59 16.98 -16.82 -13.98
C THR B 59 17.45 -16.78 -12.51
N ALA B 60 18.01 -17.89 -12.04
CA ALA B 60 18.24 -18.18 -10.62
C ALA B 60 18.76 -19.60 -10.54
N ASP B 61 19.46 -19.94 -9.47
CA ASP B 61 19.86 -21.31 -9.26
C ASP B 61 18.64 -22.24 -9.09
N GLY B 62 17.69 -21.84 -8.25
CA GLY B 62 16.65 -22.73 -7.79
C GLY B 62 15.25 -22.14 -7.76
N VAL B 63 14.32 -23.01 -7.37
CA VAL B 63 13.00 -22.65 -7.00
C VAL B 63 12.71 -23.19 -5.61
N ALA B 64 11.83 -22.47 -4.93
CA ALA B 64 11.18 -22.96 -3.73
C ALA B 64 9.67 -22.79 -3.95
N VAL B 65 8.94 -23.78 -3.51
CA VAL B 65 7.54 -23.88 -3.75
C VAL B 65 6.79 -23.67 -2.44
N ILE B 66 5.94 -22.69 -2.43
CA ILE B 66 4.95 -22.60 -1.39
C ILE B 66 3.68 -23.36 -1.85
N PRO B 67 3.45 -24.60 -1.32
CA PRO B 67 2.31 -25.37 -1.79
C PRO B 67 1.16 -25.33 -0.81
N VAL B 68 0.06 -24.75 -1.27
CA VAL B 68 -1.14 -24.57 -0.50
C VAL B 68 -2.13 -25.70 -0.82
N LEU B 69 -2.25 -26.63 0.11
CA LEU B 69 -3.12 -27.78 -0.08
C LEU B 69 -4.55 -27.41 0.31
N GLN B 70 -5.41 -27.32 -0.70
CA GLN B 70 -6.78 -26.91 -0.55
C GLN B 70 -7.68 -28.14 -0.64
N ARG B 71 -8.32 -28.53 0.45
CA ARG B 71 -9.35 -29.58 0.46
C ARG B 71 -10.59 -29.06 1.15
N THR B 72 -11.72 -29.30 0.51
CA THR B 72 -12.94 -28.77 1.05
C THR B 72 -13.28 -29.40 2.38
N LEU B 73 -13.86 -28.57 3.25
CA LEU B 73 -14.15 -28.93 4.62
C LEU B 73 -12.94 -29.32 5.51
N HIS B 74 -11.72 -28.89 5.14
CA HIS B 74 -10.53 -29.16 5.93
C HIS B 74 -9.86 -27.82 6.09
N TYR B 75 -8.97 -27.68 7.06
CA TYR B 75 -8.07 -26.53 7.05
C TYR B 75 -7.18 -26.54 5.82
N GLU B 76 -6.94 -25.36 5.26
CA GLU B 76 -5.86 -25.17 4.28
C GLU B 76 -4.52 -25.46 4.97
N CYS B 77 -3.70 -26.26 4.28
CA CYS B 77 -2.39 -26.66 4.74
C CYS B 77 -1.30 -26.14 3.80
N ILE B 78 -0.09 -26.07 4.36
CA ILE B 78 1.08 -25.72 3.60
C ILE B 78 1.84 -27.00 3.68
N VAL B 79 2.31 -27.43 2.53
CA VAL B 79 2.97 -28.71 2.39
C VAL B 79 4.50 -28.56 2.45
N LEU B 80 5.13 -29.24 3.35
CA LEU B 80 6.57 -29.06 3.55
C LEU B 80 7.23 -30.39 3.50
N VAL B 81 8.56 -30.34 3.41
CA VAL B 81 9.37 -31.55 3.29
C VAL B 81 10.40 -31.58 4.37
N LYS B 82 10.70 -32.76 4.90
CA LYS B 82 11.78 -32.99 5.84
C LYS B 82 12.80 -33.96 5.20
N GLN B 83 14.08 -33.61 5.30
CA GLN B 83 15.19 -34.26 4.60
C GLN B 83 16.47 -34.06 5.43
N PHE B 84 17.40 -35.02 5.33
CA PHE B 84 18.70 -34.97 5.99
C PHE B 84 19.50 -33.98 5.15
N ARG B 85 20.09 -32.98 5.80
CA ARG B 85 20.84 -31.98 5.04
C ARG B 85 22.27 -32.09 5.47
N PRO B 86 23.13 -32.63 4.61
CA PRO B 86 24.51 -32.87 5.08
C PRO B 86 25.28 -31.64 5.57
N PRO B 87 25.16 -30.47 4.92
CA PRO B 87 25.82 -29.28 5.51
C PRO B 87 25.31 -28.93 6.89
N MET B 88 24.04 -29.22 7.18
CA MET B 88 23.57 -28.94 8.54
C MET B 88 23.86 -30.12 9.48
N GLY B 89 24.17 -31.30 8.96
CA GLY B 89 24.40 -32.48 9.82
C GLY B 89 23.16 -32.90 10.56
N GLY B 90 22.02 -32.56 9.95
CA GLY B 90 20.76 -32.78 10.60
C GLY B 90 19.59 -32.73 9.65
N TYR B 91 18.44 -32.98 10.21
CA TYR B 91 17.18 -32.95 9.46
C TYR B 91 16.62 -31.53 9.54
N CYS B 92 16.15 -31.04 8.40
CA CYS B 92 15.54 -29.76 8.24
C CYS B 92 14.16 -29.85 7.66
N ILE B 93 13.35 -28.85 7.97
CA ILE B 93 11.98 -28.71 7.42
C ILE B 93 11.96 -27.55 6.49
N GLU B 94 11.51 -27.81 5.26
CA GLU B 94 11.66 -26.83 4.20
C GLU B 94 10.44 -26.84 3.25
N PHE B 95 10.32 -25.77 2.47
CA PHE B 95 9.43 -25.71 1.28
C PHE B 95 10.01 -26.70 0.30
N PRO B 96 9.17 -27.39 -0.49
CA PRO B 96 9.77 -28.18 -1.57
C PRO B 96 10.53 -27.29 -2.53
N ALA B 97 11.65 -27.80 -3.05
CA ALA B 97 12.61 -26.99 -3.68
C ALA B 97 13.64 -27.79 -4.44
N GLY B 98 14.06 -27.25 -5.54
CA GLY B 98 15.28 -27.72 -6.14
C GLY B 98 15.84 -26.76 -7.15
N LEU B 99 16.94 -27.19 -7.77
CA LEU B 99 17.58 -26.43 -8.85
C LEU B 99 16.78 -26.51 -10.13
N ILE B 100 16.81 -25.43 -10.89
CA ILE B 100 16.15 -25.39 -12.15
C ILE B 100 17.08 -25.99 -13.21
N ASP B 101 16.58 -26.98 -13.94
CA ASP B 101 17.33 -27.61 -15.04
C ASP B 101 17.64 -26.62 -16.15
N ASP B 102 18.82 -26.74 -16.78
CA ASP B 102 19.17 -25.90 -17.99
C ASP B 102 18.00 -25.88 -19.03
N GLY B 103 17.50 -24.69 -19.39
CA GLY B 103 16.32 -24.55 -20.27
C GLY B 103 14.94 -24.89 -19.69
N GLU B 104 14.83 -25.02 -18.38
CA GLU B 104 13.51 -25.13 -17.71
C GLU B 104 13.07 -23.72 -17.25
N THR B 105 11.78 -23.44 -17.32
CA THR B 105 11.25 -22.22 -16.70
C THR B 105 11.17 -22.36 -15.16
N PRO B 106 11.14 -21.24 -14.42
CA PRO B 106 10.95 -21.42 -12.96
C PRO B 106 9.64 -22.15 -12.60
N GLU B 107 8.56 -21.81 -13.31
CA GLU B 107 7.23 -22.39 -13.06
C GLU B 107 7.21 -23.89 -13.29
N ALA B 108 7.98 -24.36 -14.27
CA ALA B 108 7.94 -25.75 -14.64
C ALA B 108 8.78 -26.53 -13.67
N ALA B 109 9.88 -25.91 -13.24
CA ALA B 109 10.77 -26.44 -12.21
C ALA B 109 10.04 -26.70 -10.92
N ALA B 110 9.17 -25.75 -10.61
CA ALA B 110 8.32 -25.76 -9.40
C ALA B 110 7.33 -26.90 -9.40
N LEU B 111 6.60 -27.02 -10.51
CA LEU B 111 5.58 -28.06 -10.58
C LEU B 111 6.23 -29.42 -10.58
N ARG B 112 7.40 -29.50 -11.22
CA ARG B 112 8.16 -30.72 -11.29
C ARG B 112 8.75 -31.03 -9.93
N GLU B 113 9.44 -30.06 -9.30
CA GLU B 113 10.02 -30.38 -7.95
C GLU B 113 8.91 -30.74 -6.98
N LEU B 114 7.80 -30.03 -7.03
CA LEU B 114 6.69 -30.33 -6.13
C LEU B 114 6.20 -31.75 -6.31
N GLU B 115 6.04 -32.17 -7.56
CA GLU B 115 5.63 -33.55 -7.81
C GLU B 115 6.64 -34.54 -7.34
N GLU B 116 7.90 -34.30 -7.68
CA GLU B 116 8.94 -35.28 -7.31
C GLU B 116 9.09 -35.45 -5.80
N GLU B 117 9.02 -34.32 -5.08
CA GLU B 117 9.22 -34.34 -3.61
C GLU B 117 7.96 -34.71 -2.86
N THR B 118 6.79 -34.37 -3.39
CA THR B 118 5.53 -34.59 -2.61
C THR B 118 4.50 -35.52 -3.26
N GLY B 119 4.68 -35.82 -4.55
CA GLY B 119 3.65 -36.48 -5.33
C GLY B 119 2.51 -35.57 -5.72
N TYR B 120 2.39 -34.34 -5.18
CA TYR B 120 1.19 -33.52 -5.53
C TYR B 120 1.38 -32.82 -6.84
N LYS B 121 0.25 -32.58 -7.54
CA LYS B 121 0.15 -31.90 -8.84
C LYS B 121 -0.64 -30.64 -8.64
N GLY B 122 0.00 -29.52 -8.91
CA GLY B 122 -0.54 -28.26 -8.49
C GLY B 122 -0.60 -27.30 -9.63
N ASP B 123 -1.05 -26.10 -9.34
CA ASP B 123 -1.23 -25.02 -10.29
C ASP B 123 -0.52 -23.79 -9.81
N ILE B 124 0.14 -23.11 -10.73
CA ILE B 124 0.83 -21.85 -10.43
C ILE B 124 -0.14 -20.76 -10.06
N ALA B 125 0.05 -20.16 -8.89
CA ALA B 125 -0.70 -18.98 -8.54
C ALA B 125 0.09 -17.75 -8.83
N GLU B 126 1.34 -17.72 -8.37
CA GLU B 126 2.23 -16.60 -8.64
C GLU B 126 3.72 -17.03 -8.59
N CYS B 127 4.63 -16.19 -9.10
CA CYS B 127 6.06 -16.49 -9.17
C CYS B 127 6.88 -15.20 -8.91
N SER B 128 7.82 -15.29 -7.97
CA SER B 128 8.60 -14.14 -7.57
C SER B 128 9.69 -13.88 -8.62
N PRO B 129 10.24 -12.65 -8.65
CA PRO B 129 11.56 -12.49 -9.20
C PRO B 129 12.62 -13.29 -8.42
N ALA B 130 13.85 -13.24 -8.92
CA ALA B 130 14.96 -13.96 -8.28
C ALA B 130 15.24 -13.26 -6.96
N VAL B 131 15.25 -14.04 -5.88
CA VAL B 131 15.44 -13.49 -4.53
C VAL B 131 16.66 -14.14 -3.95
N CYS B 132 17.44 -13.43 -3.14
CA CYS B 132 18.67 -13.99 -2.67
C CYS B 132 18.51 -14.83 -1.44
N MET B 133 19.29 -15.92 -1.36
CA MET B 133 19.27 -16.85 -0.23
C MET B 133 20.01 -16.30 0.99
N ASP B 134 21.24 -15.84 0.77
CA ASP B 134 22.09 -15.43 1.87
C ASP B 134 23.15 -14.48 1.28
N PRO B 135 22.78 -13.21 1.07
CA PRO B 135 23.62 -12.36 0.22
C PRO B 135 24.95 -11.90 0.84
N GLY B 136 25.10 -12.02 2.16
CA GLY B 136 26.36 -11.77 2.83
C GLY B 136 27.37 -12.92 2.59
N LEU B 137 26.92 -14.06 2.12
CA LEU B 137 27.79 -15.21 1.91
C LEU B 137 27.86 -15.66 0.46
N SER B 138 26.74 -15.71 -0.26
CA SER B 138 26.65 -16.36 -1.58
C SER B 138 25.91 -15.53 -2.56
N ASN B 139 26.03 -15.90 -3.82
CA ASN B 139 25.23 -15.30 -4.89
C ASN B 139 23.98 -16.10 -5.16
N CYS B 140 23.68 -17.11 -4.32
CA CYS B 140 22.57 -17.99 -4.61
C CYS B 140 21.23 -17.27 -4.60
N THR B 141 20.43 -17.62 -5.61
CA THR B 141 19.10 -17.08 -5.72
C THR B 141 18.05 -18.18 -6.07
N ILE B 142 16.79 -17.87 -5.73
CA ILE B 142 15.65 -18.71 -6.08
C ILE B 142 14.51 -17.86 -6.58
N HIS B 143 13.61 -18.53 -7.30
CA HIS B 143 12.27 -18.00 -7.53
C HIS B 143 11.37 -18.67 -6.48
N ILE B 144 10.62 -17.86 -5.76
CA ILE B 144 9.57 -18.39 -4.87
C ILE B 144 8.25 -18.51 -5.66
N VAL B 145 7.67 -19.71 -5.69
CA VAL B 145 6.54 -20.01 -6.58
C VAL B 145 5.42 -20.53 -5.70
N THR B 146 4.35 -19.73 -5.60
CA THR B 146 3.18 -20.06 -4.89
C THR B 146 2.36 -20.95 -5.81
N VAL B 147 1.97 -22.11 -5.29
CA VAL B 147 1.25 -23.11 -6.01
C VAL B 147 0.05 -23.53 -5.14
N THR B 148 -1.12 -23.67 -5.75
CA THR B 148 -2.25 -24.35 -5.08
C THR B 148 -2.35 -25.80 -5.48
N ILE B 149 -2.80 -26.63 -4.56
CA ILE B 149 -2.99 -28.03 -4.85
C ILE B 149 -4.46 -28.30 -4.57
N ASN B 150 -5.18 -28.68 -5.63
CA ASN B 150 -6.56 -29.09 -5.47
C ASN B 150 -6.52 -30.50 -4.94
N GLY B 151 -6.62 -30.59 -3.61
CA GLY B 151 -6.59 -31.84 -2.88
C GLY B 151 -7.84 -32.72 -3.06
N ASP B 152 -8.89 -32.24 -3.74
CA ASP B 152 -10.10 -33.06 -3.91
C ASP B 152 -10.07 -33.74 -5.29
N ASP B 153 -9.05 -33.44 -6.08
CA ASP B 153 -8.86 -33.97 -7.43
C ASP B 153 -8.32 -35.34 -7.26
N ALA B 154 -8.68 -36.22 -8.20
CA ALA B 154 -8.30 -37.62 -8.15
C ALA B 154 -6.79 -37.79 -8.30
N GLU B 155 -6.15 -36.92 -9.07
CA GLU B 155 -4.70 -37.01 -9.25
C GLU B 155 -3.88 -36.74 -7.94
N ASN B 156 -4.52 -36.14 -6.94
CA ASN B 156 -3.90 -35.88 -5.63
C ASN B 156 -4.50 -36.71 -4.52
N ALA B 157 -5.21 -37.79 -4.83
CA ALA B 157 -5.78 -38.59 -3.75
C ALA B 157 -4.69 -39.40 -3.01
N ARG B 158 -3.80 -40.04 -3.76
CA ARG B 158 -2.75 -40.90 -3.19
C ARG B 158 -1.45 -40.43 -3.82
N PRO B 159 -1.05 -39.17 -3.51
CA PRO B 159 0.03 -38.51 -4.26
C PRO B 159 1.28 -39.41 -4.37
N LYS B 160 1.83 -39.56 -5.59
CA LYS B 160 2.97 -40.46 -5.87
C LYS B 160 4.35 -39.73 -5.91
N PRO B 161 5.10 -39.67 -4.76
CA PRO B 161 6.37 -38.90 -4.77
C PRO B 161 7.48 -39.62 -5.55
N LYS B 162 7.98 -38.99 -6.63
CA LYS B 162 9.00 -39.58 -7.52
C LYS B 162 10.40 -38.93 -7.34
N PRO B 163 11.10 -39.26 -6.24
CA PRO B 163 12.37 -38.61 -5.96
C PRO B 163 13.51 -39.08 -6.89
N GLY B 164 14.38 -38.16 -7.31
CA GLY B 164 15.60 -38.54 -8.06
C GLY B 164 16.60 -39.40 -7.28
N ASP B 165 17.75 -39.69 -7.90
CA ASP B 165 18.78 -40.49 -7.22
C ASP B 165 19.21 -39.83 -5.90
N GLY B 166 19.21 -40.64 -4.84
CA GLY B 166 19.62 -40.20 -3.51
C GLY B 166 18.74 -39.22 -2.73
N GLU B 167 17.59 -38.77 -3.26
CA GLU B 167 16.69 -37.93 -2.45
C GLU B 167 15.87 -38.84 -1.54
N PHE B 168 15.69 -38.40 -0.30
CA PHE B 168 14.89 -39.11 0.69
C PHE B 168 14.13 -38.06 1.47
N VAL B 169 12.85 -37.98 1.17
CA VAL B 169 12.03 -36.83 1.50
C VAL B 169 10.77 -37.29 2.21
N GLU B 170 10.52 -36.75 3.42
CA GLU B 170 9.33 -37.03 4.21
C GLU B 170 8.44 -35.82 4.04
N VAL B 171 7.17 -36.05 3.77
CA VAL B 171 6.23 -34.96 3.55
C VAL B 171 5.56 -34.63 4.86
N ILE B 172 5.46 -33.34 5.16
CA ILE B 172 4.73 -32.89 6.34
C ILE B 172 3.82 -31.72 5.96
N SER B 173 2.52 -31.94 6.08
CA SER B 173 1.51 -30.95 5.85
C SER B 173 1.01 -30.34 7.10
N LEU B 174 1.01 -29.02 7.15
CA LEU B 174 0.57 -28.34 8.35
C LEU B 174 -0.47 -27.27 8.07
N PRO B 175 -1.44 -27.10 9.00
CA PRO B 175 -2.47 -26.12 8.78
C PRO B 175 -1.91 -24.70 8.66
N LYS B 176 -2.26 -24.00 7.60
CA LYS B 176 -1.80 -22.62 7.38
C LYS B 176 -2.14 -21.66 8.56
N ASN B 177 -3.36 -21.73 9.10
CA ASN B 177 -3.76 -20.76 10.16
C ASN B 177 -3.08 -20.97 11.54
N ASP B 178 -2.31 -22.06 11.73
CA ASP B 178 -1.53 -22.30 12.99
C ASP B 178 -0.04 -22.64 12.72
N LEU B 179 0.47 -22.26 11.55
CA LEU B 179 1.71 -22.85 11.06
C LEU B 179 2.87 -22.61 12.02
N LEU B 180 3.02 -21.41 12.53
CA LEU B 180 4.12 -21.07 13.38
C LEU B 180 4.13 -21.89 14.69
N GLN B 181 2.98 -22.00 15.37
CA GLN B 181 2.85 -22.86 16.57
C GLN B 181 3.13 -24.29 16.18
N ARG B 182 2.66 -24.73 15.01
CA ARG B 182 2.93 -26.12 14.65
C ARG B 182 4.42 -26.38 14.41
N LEU B 183 5.09 -25.45 13.75
CA LEU B 183 6.52 -25.57 13.51
C LEU B 183 7.34 -25.57 14.82
N ASP B 184 6.99 -24.68 15.72
CA ASP B 184 7.64 -24.63 17.07
C ASP B 184 7.49 -25.97 17.80
N ALA B 185 6.31 -26.59 17.68
CA ALA B 185 6.09 -27.86 18.40
C ALA B 185 6.98 -28.93 17.79
N LEU B 186 7.02 -29.02 16.46
CA LEU B 186 7.95 -29.93 15.80
C LEU B 186 9.39 -29.79 16.24
N VAL B 187 9.87 -28.55 16.24
CA VAL B 187 11.22 -28.23 16.75
C VAL B 187 11.41 -28.71 18.23
N ALA B 188 10.40 -28.51 19.05
CA ALA B 188 10.45 -28.87 20.48
C ALA B 188 10.47 -30.38 20.71
N GLU B 189 9.76 -31.13 19.90
CA GLU B 189 9.68 -32.57 20.11
C GLU B 189 10.81 -33.31 19.41
N GLU B 190 11.19 -32.85 18.23
CA GLU B 190 11.83 -33.71 17.20
C GLU B 190 13.32 -33.43 16.86
N HIS B 191 13.96 -32.49 17.56
CA HIS B 191 15.28 -31.89 17.15
C HIS B 191 15.52 -31.73 15.61
N LEU B 192 14.74 -30.84 15.04
CA LEU B 192 14.74 -30.47 13.63
C LEU B 192 15.19 -29.00 13.51
N THR B 193 15.71 -28.63 12.34
CA THR B 193 15.90 -27.20 11.98
C THR B 193 14.89 -26.79 10.92
N VAL B 194 14.08 -25.79 11.24
CA VAL B 194 13.15 -25.18 10.31
C VAL B 194 13.96 -24.18 9.47
N ASP B 195 13.66 -24.15 8.18
CA ASP B 195 14.17 -23.20 7.23
C ASP B 195 13.69 -21.76 7.41
N ALA B 196 14.56 -20.84 7.11
CA ALA B 196 14.34 -19.48 7.50
C ALA B 196 13.25 -18.82 6.67
N ARG B 197 13.11 -19.27 5.42
CA ARG B 197 12.02 -18.79 4.61
C ARG B 197 10.69 -19.33 5.12
N VAL B 198 10.65 -20.62 5.47
CA VAL B 198 9.46 -21.23 6.04
C VAL B 198 9.07 -20.44 7.31
N TYR B 199 10.03 -20.28 8.21
CA TYR B 199 9.79 -19.56 9.45
C TYR B 199 9.31 -18.10 9.23
N SER B 200 9.89 -17.42 8.26
CA SER B 200 9.50 -16.08 7.95
C SER B 200 8.09 -15.92 7.43
N TYR B 201 7.69 -16.86 6.59
CA TYR B 201 6.34 -16.95 6.08
C TYR B 201 5.38 -17.24 7.23
N ALA B 202 5.70 -18.23 8.09
CA ALA B 202 4.87 -18.53 9.23
C ALA B 202 4.67 -17.36 10.19
N LEU B 203 5.74 -16.62 10.44
CA LEU B 203 5.71 -15.39 11.27
C LEU B 203 4.76 -14.36 10.70
N ALA B 204 4.89 -14.03 9.41
CA ALA B 204 3.97 -13.06 8.75
C ALA B 204 2.50 -13.52 8.76
N LEU B 205 2.22 -14.83 8.67
CA LEU B 205 0.86 -15.36 8.83
C LEU B 205 0.29 -14.88 10.19
N LYS B 206 1.07 -14.99 11.26
CA LYS B 206 0.65 -14.51 12.57
C LYS B 206 0.64 -12.99 12.64
N HIS B 207 1.65 -12.33 12.10
CA HIS B 207 1.75 -10.84 12.19
C HIS B 207 0.71 -10.03 11.39
N ALA B 208 0.09 -10.68 10.36
CA ALA B 208 -0.81 -9.98 9.45
C ALA B 208 -2.01 -9.41 10.24
N ASN B 209 -2.49 -8.25 9.79
CA ASN B 209 -3.64 -7.49 10.40
C ASN B 209 -3.44 -7.25 11.91
N GLN C 16 -7.39 13.28 19.00
CA GLN C 16 -8.90 13.32 19.03
C GLN C 16 -9.45 11.96 18.61
N TYR C 17 -10.65 11.62 19.04
CA TYR C 17 -11.28 10.35 18.64
C TYR C 17 -12.76 10.34 19.01
N ILE C 18 -13.49 9.41 18.39
CA ILE C 18 -14.92 9.24 18.60
C ILE C 18 -15.09 8.56 19.94
N ILE C 19 -15.88 9.19 20.80
CA ILE C 19 -16.38 8.61 22.06
C ILE C 19 -17.67 7.82 21.76
N SER C 20 -18.65 8.49 21.17
CA SER C 20 -19.89 7.81 20.79
C SER C 20 -20.69 8.55 19.74
N GLU C 21 -21.42 7.73 18.98
CA GLU C 21 -22.30 8.14 17.89
C GLU C 21 -23.74 7.79 18.30
N GLU C 22 -24.56 8.85 18.46
CA GLU C 22 -25.91 8.80 19.01
C GLU C 22 -26.96 9.04 17.91
N LEU C 23 -27.67 7.95 17.52
CA LEU C 23 -28.68 7.93 16.44
C LEU C 23 -29.93 8.84 16.61
N ILE C 24 -30.20 9.74 15.65
CA ILE C 24 -31.39 10.63 15.63
C ILE C 24 -32.53 10.15 14.70
N SER C 25 -32.26 9.78 13.44
CA SER C 25 -33.31 9.14 12.58
C SER C 25 -32.81 8.27 11.40
N GLU C 26 -33.62 7.30 10.99
CA GLU C 26 -33.19 6.28 10.01
C GLU C 26 -34.20 6.12 8.89
N GLY C 27 -33.93 6.75 7.75
CA GLY C 27 -34.81 6.66 6.60
C GLY C 27 -34.45 5.45 5.78
N LYS C 28 -35.11 5.30 4.63
CA LYS C 28 -34.78 4.24 3.65
C LYS C 28 -33.40 4.38 3.01
N TRP C 29 -32.74 5.56 3.15
CA TRP C 29 -31.45 5.86 2.48
C TRP C 29 -30.39 6.63 3.26
N VAL C 30 -30.78 7.49 4.20
CA VAL C 30 -29.81 8.31 4.98
C VAL C 30 -30.14 8.25 6.48
N LYS C 31 -29.17 8.60 7.35
CA LYS C 31 -29.36 8.67 8.81
C LYS C 31 -28.64 9.88 9.42
N LEU C 32 -29.20 10.45 10.48
CA LEU C 32 -28.56 11.56 11.21
C LEU C 32 -28.01 11.01 12.53
N GLU C 33 -26.98 11.65 13.11
CA GLU C 33 -26.39 11.20 14.38
C GLU C 33 -25.78 12.36 15.15
N LYS C 34 -25.89 12.33 16.48
CA LYS C 34 -25.07 13.19 17.36
C LYS C 34 -23.76 12.44 17.54
N THR C 35 -22.64 13.15 17.66
CA THR C 35 -21.32 12.52 17.63
C THR C 35 -20.44 13.19 18.67
N THR C 36 -20.02 12.45 19.70
CA THR C 36 -19.25 13.07 20.81
C THR C 36 -17.80 12.58 20.74
N TYR C 37 -16.84 13.46 21.03
CA TYR C 37 -15.47 13.26 20.62
C TYR C 37 -14.51 14.10 21.53
N MET C 38 -13.29 13.61 21.84
CA MET C 38 -12.36 14.41 22.70
C MET C 38 -11.58 15.35 21.83
N ASP C 39 -11.73 16.66 22.02
CA ASP C 39 -10.89 17.58 21.28
C ASP C 39 -9.45 17.39 21.69
N PRO C 40 -8.52 18.08 20.98
CA PRO C 40 -7.09 18.03 21.25
C PRO C 40 -6.69 18.43 22.69
N THR C 41 -7.30 19.51 23.18
CA THR C 41 -6.93 20.08 24.50
C THR C 41 -7.54 19.32 25.68
N GLY C 42 -8.54 18.47 25.44
CA GLY C 42 -9.06 17.54 26.46
C GLY C 42 -10.57 17.56 26.75
N LYS C 43 -11.28 18.62 26.35
CA LYS C 43 -12.74 18.70 26.54
C LYS C 43 -13.50 17.61 25.78
N THR C 44 -14.56 17.09 26.40
CA THR C 44 -15.59 16.35 25.66
C THR C 44 -16.36 17.38 24.78
N ARG C 45 -16.56 17.08 23.49
CA ARG C 45 -17.29 17.98 22.55
C ARG C 45 -18.20 17.19 21.65
N THR C 46 -19.08 17.89 20.93
CA THR C 46 -20.24 17.26 20.24
C THR C 46 -20.47 17.86 18.80
N TRP C 47 -21.11 17.08 17.94
CA TRP C 47 -21.18 17.43 16.51
C TRP C 47 -22.15 16.46 15.83
N GLU C 48 -23.23 17.00 15.26
CA GLU C 48 -24.16 16.26 14.40
C GLU C 48 -23.59 15.82 13.03
N SER C 49 -23.88 14.57 12.67
CA SER C 49 -23.26 13.86 11.54
C SER C 49 -24.31 13.10 10.73
N VAL C 50 -24.03 12.98 9.43
CA VAL C 50 -24.87 12.27 8.50
C VAL C 50 -24.11 11.07 7.98
N LYS C 51 -24.82 10.00 7.65
CA LYS C 51 -24.21 8.82 7.03
C LYS C 51 -25.30 8.10 6.21
N ARG C 52 -24.95 7.51 5.07
CA ARG C 52 -25.95 6.78 4.26
C ARG C 52 -26.10 5.42 4.86
N THR C 53 -27.28 4.84 4.71
CA THR C 53 -27.54 3.52 5.29
C THR C 53 -26.91 2.44 4.44
N THR C 54 -26.86 2.71 3.12
CA THR C 54 -26.45 1.76 2.07
C THR C 54 -25.02 1.14 2.12
N ARG C 55 -24.04 1.73 2.83
CA ARG C 55 -22.63 1.25 2.78
C ARG C 55 -22.43 -0.17 3.36
N LYS C 56 -21.71 -1.01 2.60
CA LYS C 56 -21.20 -2.33 3.03
C LYS C 56 -19.68 -2.29 3.32
N GLN C 58 -17.19 -2.56 1.44
CA GLN C 58 -17.39 -1.62 0.35
C GLN C 58 -16.40 -0.48 0.60
N THR C 59 -15.52 -0.23 -0.39
CA THR C 59 -14.36 0.69 -0.22
C THR C 59 -14.76 2.17 0.02
N ALA C 60 -15.91 2.53 -0.53
CA ALA C 60 -16.42 3.87 -0.41
C ALA C 60 -17.88 3.79 -0.82
N ASP C 61 -18.64 4.84 -0.53
CA ASP C 61 -20.04 4.88 -0.92
C ASP C 61 -20.21 4.75 -2.44
N GLY C 62 -19.41 5.51 -3.18
CA GLY C 62 -19.61 5.49 -4.65
C GLY C 62 -18.39 5.81 -5.47
N VAL C 63 -18.63 6.04 -6.75
CA VAL C 63 -17.56 6.51 -7.62
C VAL C 63 -18.03 7.69 -8.45
N ALA C 64 -17.07 8.54 -8.80
CA ALA C 64 -17.24 9.62 -9.76
C ALA C 64 -16.16 9.43 -10.82
N VAL C 65 -16.55 9.64 -12.07
CA VAL C 65 -15.74 9.29 -13.17
C VAL C 65 -15.37 10.59 -13.89
N ILE C 66 -14.04 10.81 -14.07
CA ILE C 66 -13.53 11.86 -14.88
C ILE C 66 -13.31 11.22 -16.28
N PRO C 67 -14.25 11.47 -17.21
CA PRO C 67 -14.19 10.74 -18.47
C PRO C 67 -13.60 11.66 -19.52
N VAL C 68 -12.47 11.25 -20.00
CA VAL C 68 -11.72 12.07 -20.92
C VAL C 68 -11.89 11.52 -22.32
N LEU C 69 -12.54 12.34 -23.13
CA LEU C 69 -12.92 11.97 -24.51
C LEU C 69 -11.80 12.38 -25.41
N GLN C 70 -11.18 11.37 -25.99
CA GLN C 70 -9.97 11.47 -26.79
C GLN C 70 -10.26 11.10 -28.25
N ARG C 71 -9.80 11.93 -29.15
CA ARG C 71 -10.09 11.76 -30.63
C ARG C 71 -8.92 12.28 -31.37
N THR C 72 -8.64 11.69 -32.53
CA THR C 72 -7.41 12.00 -33.17
C THR C 72 -7.39 13.43 -33.62
N LEU C 73 -8.53 13.95 -34.04
CA LEU C 73 -8.51 15.23 -34.72
C LEU C 73 -8.79 16.41 -33.79
N HIS C 74 -8.87 16.16 -32.48
CA HIS C 74 -9.46 17.10 -31.56
C HIS C 74 -8.72 17.17 -30.22
N TYR C 75 -8.89 18.29 -29.57
CA TYR C 75 -8.55 18.45 -28.16
C TYR C 75 -9.47 17.62 -27.31
N GLU C 76 -8.97 17.20 -26.16
CA GLU C 76 -9.78 16.39 -25.27
C GLU C 76 -11.01 17.10 -24.78
N CYS C 77 -12.06 16.31 -24.57
CA CYS C 77 -13.22 16.81 -23.86
C CYS C 77 -13.36 16.16 -22.55
N ILE C 78 -14.02 16.87 -21.66
CA ILE C 78 -14.50 16.23 -20.42
C ILE C 78 -16.00 15.99 -20.51
N VAL C 79 -16.45 14.74 -20.28
CA VAL C 79 -17.87 14.33 -20.43
C VAL C 79 -18.49 14.48 -19.08
N LEU C 80 -19.53 15.32 -19.00
CA LEU C 80 -20.22 15.62 -17.80
C LEU C 80 -21.71 15.24 -18.03
N VAL C 81 -22.48 15.20 -16.93
CA VAL C 81 -23.90 14.93 -16.97
C VAL C 81 -24.68 15.99 -16.25
N LYS C 82 -25.86 16.31 -16.75
CA LYS C 82 -26.77 17.25 -16.11
C LYS C 82 -28.01 16.50 -15.65
N GLN C 83 -28.43 16.71 -14.40
CA GLN C 83 -29.61 16.05 -13.94
C GLN C 83 -30.28 16.86 -12.88
N PHE C 84 -31.57 16.60 -12.72
CA PHE C 84 -32.32 17.21 -11.65
C PHE C 84 -31.94 16.53 -10.34
N ARG C 85 -31.61 17.31 -9.34
CA ARG C 85 -31.23 16.76 -8.05
C ARG C 85 -32.19 17.26 -6.97
N PRO C 86 -33.03 16.35 -6.45
CA PRO C 86 -34.07 16.73 -5.50
C PRO C 86 -33.61 17.51 -4.29
N PRO C 87 -32.46 17.13 -3.67
CA PRO C 87 -31.95 17.91 -2.55
C PRO C 87 -31.60 19.37 -2.91
N MET C 88 -31.22 19.59 -4.17
CA MET C 88 -30.83 20.92 -4.65
C MET C 88 -32.03 21.70 -5.18
N GLY C 89 -33.08 20.97 -5.56
CA GLY C 89 -34.26 21.63 -6.10
C GLY C 89 -34.03 22.19 -7.50
N GLY C 90 -33.04 21.67 -8.20
CA GLY C 90 -32.69 22.16 -9.53
C GLY C 90 -31.73 21.21 -10.20
N TYR C 91 -31.24 21.67 -11.33
CA TYR C 91 -30.41 20.89 -12.14
C TYR C 91 -28.96 21.12 -11.78
N CYS C 92 -28.17 20.05 -11.90
CA CYS C 92 -26.75 20.14 -11.51
C CYS C 92 -25.92 19.52 -12.58
N ILE C 93 -24.71 20.07 -12.74
CA ILE C 93 -23.75 19.60 -13.70
C ILE C 93 -22.67 18.86 -12.88
N GLU C 94 -22.43 17.60 -13.21
CA GLU C 94 -21.52 16.72 -12.42
C GLU C 94 -20.71 15.80 -13.24
N PHE C 95 -19.70 15.16 -12.60
CA PHE C 95 -19.06 14.01 -13.23
C PHE C 95 -20.09 12.90 -13.17
N PRO C 96 -20.14 12.05 -14.18
CA PRO C 96 -20.89 10.83 -14.07
C PRO C 96 -20.50 10.08 -12.80
N ALA C 97 -21.50 9.56 -12.11
CA ALA C 97 -21.31 9.03 -10.82
C ALA C 97 -22.45 8.11 -10.41
N GLY C 98 -22.13 7.12 -9.56
CA GLY C 98 -23.18 6.34 -8.84
C GLY C 98 -22.60 5.57 -7.67
N LEU C 99 -23.46 4.93 -6.90
CA LEU C 99 -22.98 4.08 -5.78
C LEU C 99 -22.40 2.76 -6.32
N ILE C 100 -21.33 2.31 -5.68
CA ILE C 100 -20.70 1.03 -6.00
C ILE C 100 -21.65 -0.13 -5.63
N ASP C 101 -21.96 -1.04 -6.58
CA ASP C 101 -22.78 -2.24 -6.29
C ASP C 101 -22.08 -3.19 -5.31
N ASP C 102 -22.87 -4.08 -4.72
CA ASP C 102 -22.36 -5.13 -3.80
C ASP C 102 -21.48 -6.16 -4.55
N GLY C 103 -20.27 -6.37 -4.05
CA GLY C 103 -19.29 -7.24 -4.72
C GLY C 103 -18.53 -6.56 -5.87
N GLU C 104 -18.73 -5.25 -6.09
CA GLU C 104 -18.20 -4.60 -7.27
C GLU C 104 -16.92 -3.88 -6.97
N THR C 105 -15.93 -4.04 -7.83
CA THR C 105 -14.77 -3.17 -7.78
C THR C 105 -15.23 -1.71 -8.10
N PRO C 106 -14.56 -0.71 -7.50
CA PRO C 106 -14.82 0.67 -7.94
C PRO C 106 -14.57 0.85 -9.42
N GLU C 107 -13.56 0.15 -9.96
CA GLU C 107 -13.19 0.35 -11.32
C GLU C 107 -14.30 -0.09 -12.22
N ALA C 108 -14.97 -1.18 -11.87
CA ALA C 108 -16.02 -1.74 -12.67
C ALA C 108 -17.26 -0.84 -12.60
N ALA C 109 -17.49 -0.32 -11.40
CA ALA C 109 -18.58 0.57 -11.13
C ALA C 109 -18.44 1.82 -11.99
N ALA C 110 -17.21 2.32 -12.07
CA ALA C 110 -16.88 3.45 -12.85
C ALA C 110 -17.23 3.23 -14.35
N LEU C 111 -16.85 2.10 -14.91
CA LEU C 111 -17.11 1.82 -16.32
C LEU C 111 -18.61 1.57 -16.58
N ARG C 112 -19.26 0.86 -15.66
CA ARG C 112 -20.71 0.72 -15.70
C ARG C 112 -21.49 2.04 -15.55
N GLU C 113 -21.21 2.83 -14.55
CA GLU C 113 -21.97 4.06 -14.39
C GLU C 113 -21.73 4.99 -15.61
N LEU C 114 -20.50 5.00 -16.10
CA LEU C 114 -20.20 5.83 -17.29
C LEU C 114 -21.00 5.32 -18.53
N GLU C 115 -20.97 4.02 -18.79
CA GLU C 115 -21.73 3.51 -19.91
C GLU C 115 -23.22 3.84 -19.77
N GLU C 116 -23.75 3.63 -18.57
CA GLU C 116 -25.15 3.83 -18.30
C GLU C 116 -25.62 5.25 -18.50
N GLU C 117 -24.82 6.19 -18.03
CA GLU C 117 -25.22 7.57 -17.86
C GLU C 117 -24.85 8.40 -19.09
N THR C 118 -23.86 7.92 -19.83
CA THR C 118 -23.42 8.56 -21.10
C THR C 118 -23.45 7.76 -22.40
N GLY C 119 -23.56 6.44 -22.34
CA GLY C 119 -23.36 5.58 -23.50
C GLY C 119 -21.92 5.34 -23.91
N TYR C 120 -20.92 5.98 -23.28
CA TYR C 120 -19.55 5.75 -23.67
C TYR C 120 -18.92 4.48 -23.05
N LYS C 121 -18.17 3.80 -23.87
CA LYS C 121 -17.33 2.72 -23.45
C LYS C 121 -15.88 3.20 -23.20
N GLY C 122 -15.44 3.15 -21.94
CA GLY C 122 -14.12 3.60 -21.51
C GLY C 122 -13.09 2.58 -21.07
N ASP C 123 -11.89 3.10 -20.84
CA ASP C 123 -10.79 2.32 -20.28
C ASP C 123 -10.35 3.01 -18.97
N ILE C 124 -10.07 2.20 -17.96
CA ILE C 124 -9.56 2.76 -16.72
C ILE C 124 -8.19 3.35 -16.94
N ALA C 125 -8.01 4.60 -16.57
CA ALA C 125 -6.65 5.16 -16.47
C ALA C 125 -6.11 5.15 -15.03
N GLU C 126 -6.94 5.47 -14.05
CA GLU C 126 -6.40 5.71 -12.71
C GLU C 126 -7.57 5.68 -11.75
N CYS C 127 -7.31 5.30 -10.49
CA CYS C 127 -8.36 5.19 -9.49
C CYS C 127 -7.79 5.74 -8.19
N SER C 128 -8.47 6.74 -7.64
CA SER C 128 -8.03 7.40 -6.42
C SER C 128 -8.28 6.50 -5.23
N PRO C 129 -7.70 6.84 -4.10
CA PRO C 129 -8.16 6.15 -2.88
C PRO C 129 -9.50 6.84 -2.44
N ALA C 130 -10.30 6.19 -1.57
CA ALA C 130 -11.42 6.89 -0.89
C ALA C 130 -11.14 8.31 -0.44
N VAL C 131 -11.89 9.27 -1.04
CA VAL C 131 -11.86 10.72 -0.69
C VAL C 131 -13.25 11.12 -0.19
N CYS C 132 -13.22 12.04 0.76
CA CYS C 132 -14.37 12.47 1.52
C CYS C 132 -15.15 13.55 0.71
N MET C 133 -16.46 13.43 0.73
CA MET C 133 -17.32 14.38 0.02
C MET C 133 -17.56 15.72 0.72
N ASP C 134 -17.98 15.61 1.98
CA ASP C 134 -18.22 16.77 2.81
C ASP C 134 -17.97 16.28 4.24
N PRO C 135 -16.70 16.39 4.71
CA PRO C 135 -16.29 15.79 5.98
C PRO C 135 -17.05 16.29 7.22
N GLY C 136 -17.44 17.57 7.23
CA GLY C 136 -18.20 18.16 8.34
C GLY C 136 -19.66 17.78 8.42
N LEU C 137 -20.22 17.27 7.33
CA LEU C 137 -21.63 16.85 7.26
C LEU C 137 -21.76 15.36 7.36
N SER C 138 -21.02 14.67 6.51
CA SER C 138 -21.10 13.25 6.45
C SER C 138 -19.72 12.67 6.37
N ASN C 139 -19.73 11.36 6.52
CA ASN C 139 -18.57 10.47 6.34
C ASN C 139 -18.49 10.03 4.85
N CYS C 140 -19.47 10.40 4.01
CA CYS C 140 -19.56 9.93 2.60
C CYS C 140 -18.23 10.02 1.84
N THR C 141 -17.95 8.95 1.09
CA THR C 141 -16.71 8.80 0.34
C THR C 141 -16.98 8.24 -1.07
N ILE C 142 -16.04 8.55 -1.95
CA ILE C 142 -16.03 8.05 -3.32
C ILE C 142 -14.59 7.72 -3.74
N HIS C 143 -14.45 6.95 -4.80
CA HIS C 143 -13.19 6.93 -5.54
C HIS C 143 -13.44 7.78 -6.80
N ILE C 144 -12.52 8.69 -7.08
CA ILE C 144 -12.48 9.41 -8.31
C ILE C 144 -11.70 8.52 -9.29
N VAL C 145 -12.38 8.03 -10.33
CA VAL C 145 -11.80 7.20 -11.30
C VAL C 145 -11.70 7.90 -12.65
N THR C 146 -10.46 8.03 -13.11
CA THR C 146 -10.16 8.68 -14.36
C THR C 146 -10.30 7.63 -15.44
N VAL C 147 -11.07 7.96 -16.52
CA VAL C 147 -11.36 6.98 -17.59
C VAL C 147 -11.15 7.69 -18.93
N THR C 148 -10.47 7.05 -19.85
CA THR C 148 -10.20 7.62 -21.17
C THR C 148 -11.24 6.99 -22.08
N ILE C 149 -11.83 7.77 -22.97
CA ILE C 149 -12.74 7.25 -23.94
C ILE C 149 -12.14 7.40 -25.35
N ASN C 150 -11.93 6.31 -26.08
CA ASN C 150 -11.54 6.44 -27.49
C ASN C 150 -12.79 6.86 -28.30
N GLY C 151 -12.90 8.16 -28.50
CA GLY C 151 -13.92 8.81 -29.36
C GLY C 151 -13.93 8.43 -30.82
N ASP C 152 -12.87 7.86 -31.34
CA ASP C 152 -12.83 7.43 -32.74
C ASP C 152 -13.15 5.94 -32.97
N ASP C 153 -13.27 5.16 -31.91
CA ASP C 153 -13.50 3.75 -32.08
C ASP C 153 -14.94 3.70 -32.54
N ALA C 154 -15.22 2.82 -33.52
CA ALA C 154 -16.56 2.67 -34.05
C ALA C 154 -17.58 2.42 -32.92
N GLU C 155 -17.18 1.70 -31.86
CA GLU C 155 -18.10 1.43 -30.75
C GLU C 155 -18.60 2.69 -30.02
N ASN C 156 -17.83 3.79 -30.07
CA ASN C 156 -18.25 5.01 -29.45
C ASN C 156 -18.86 6.02 -30.44
N ALA C 157 -19.14 5.62 -31.70
CA ALA C 157 -19.64 6.64 -32.67
C ALA C 157 -20.98 7.21 -32.29
N ARG C 158 -21.85 6.40 -31.71
CA ARG C 158 -23.20 6.80 -31.45
C ARG C 158 -23.51 6.46 -30.01
N PRO C 159 -22.80 7.06 -29.03
CA PRO C 159 -23.08 6.69 -27.63
C PRO C 159 -24.56 6.79 -27.29
N LYS C 160 -25.14 5.77 -26.64
CA LYS C 160 -26.54 5.83 -26.16
C LYS C 160 -26.65 5.51 -24.67
N PRO C 161 -27.00 6.52 -23.85
CA PRO C 161 -27.20 6.25 -22.42
C PRO C 161 -28.31 5.23 -22.23
N LYS C 162 -28.13 4.27 -21.34
CA LYS C 162 -29.23 3.38 -20.91
C LYS C 162 -29.40 3.61 -19.40
N PRO C 163 -30.19 4.62 -19.00
CA PRO C 163 -30.11 4.93 -17.57
C PRO C 163 -31.08 4.07 -16.74
N GLY C 164 -30.93 4.14 -15.43
CA GLY C 164 -31.88 3.51 -14.50
C GLY C 164 -33.26 4.06 -14.74
N ASP C 165 -34.25 3.35 -14.22
CA ASP C 165 -35.62 3.83 -14.22
C ASP C 165 -35.61 4.87 -13.13
N GLY C 166 -36.15 6.05 -13.40
CA GLY C 166 -35.92 7.17 -12.48
C GLY C 166 -34.50 7.76 -12.53
N GLU C 167 -33.70 7.45 -13.57
CA GLU C 167 -32.50 8.22 -13.91
C GLU C 167 -32.82 8.97 -15.21
N PHE C 168 -32.54 10.27 -15.22
CA PHE C 168 -32.87 11.13 -16.33
C PHE C 168 -31.68 12.04 -16.58
N VAL C 169 -30.89 11.71 -17.57
CA VAL C 169 -29.54 12.24 -17.67
C VAL C 169 -29.32 12.83 -19.00
N GLU C 170 -28.67 13.97 -19.03
CA GLU C 170 -28.31 14.62 -20.25
C GLU C 170 -26.80 14.78 -20.24
N VAL C 171 -26.17 14.47 -21.36
CA VAL C 171 -24.72 14.41 -21.51
C VAL C 171 -24.30 15.75 -22.07
N ILE C 172 -23.28 16.36 -21.47
CA ILE C 172 -22.54 17.51 -22.01
C ILE C 172 -21.03 17.19 -22.05
N SER C 173 -20.40 17.27 -23.21
CA SER C 173 -18.94 17.24 -23.31
C SER C 173 -18.37 18.61 -23.55
N LEU C 174 -17.40 18.99 -22.73
CA LEU C 174 -16.81 20.31 -22.80
C LEU C 174 -15.29 20.16 -22.97
N PRO C 175 -14.67 21.02 -23.79
CA PRO C 175 -13.21 20.96 -23.99
C PRO C 175 -12.41 21.17 -22.71
N LYS C 176 -11.47 20.26 -22.45
CA LYS C 176 -10.61 20.28 -21.27
C LYS C 176 -9.83 21.61 -21.14
N ASN C 177 -9.34 22.05 -22.30
CA ASN C 177 -8.59 23.34 -22.45
C ASN C 177 -9.43 24.62 -22.33
N ASP C 178 -10.74 24.50 -22.14
CA ASP C 178 -11.56 25.69 -21.84
C ASP C 178 -12.62 25.42 -20.78
N LEU C 179 -12.35 24.46 -19.89
CA LEU C 179 -13.42 23.91 -19.07
C LEU C 179 -14.13 24.95 -18.22
N LEU C 180 -13.35 25.74 -17.49
CA LEU C 180 -13.91 26.69 -16.56
C LEU C 180 -14.81 27.75 -17.22
N GLN C 181 -14.28 28.42 -18.24
CA GLN C 181 -15.10 29.35 -19.03
C GLN C 181 -16.40 28.68 -19.60
N ARG C 182 -16.26 27.53 -20.19
CA ARG C 182 -17.42 26.87 -20.70
C ARG C 182 -18.39 26.50 -19.59
N LEU C 183 -17.95 26.20 -18.34
CA LEU C 183 -18.88 25.96 -17.21
C LEU C 183 -19.55 27.26 -16.74
N ASP C 184 -18.74 28.31 -16.58
CA ASP C 184 -19.24 29.65 -16.32
C ASP C 184 -20.30 30.07 -17.35
N ALA C 185 -20.12 29.74 -18.62
CA ALA C 185 -21.14 30.16 -19.64
C ALA C 185 -22.47 29.39 -19.58
N LEU C 186 -22.45 28.13 -19.14
CA LEU C 186 -23.71 27.40 -18.89
C LEU C 186 -24.47 27.92 -17.70
N VAL C 187 -23.73 28.30 -16.67
CA VAL C 187 -24.27 28.87 -15.44
C VAL C 187 -25.03 30.16 -15.79
N ALA C 188 -24.50 30.93 -16.74
CA ALA C 188 -25.07 32.25 -17.11
C ALA C 188 -26.35 32.09 -17.94
N GLU C 189 -26.36 31.13 -18.88
CA GLU C 189 -27.54 30.84 -19.70
C GLU C 189 -28.77 30.22 -18.97
N GLU C 190 -28.54 29.60 -17.79
CA GLU C 190 -29.52 28.76 -17.08
C GLU C 190 -29.37 28.81 -15.58
N HIS C 191 -30.41 28.45 -14.82
CA HIS C 191 -30.20 28.10 -13.43
C HIS C 191 -29.84 26.63 -13.32
N LEU C 192 -28.54 26.41 -13.17
CA LEU C 192 -28.00 25.15 -12.82
C LEU C 192 -26.81 25.37 -11.91
N THR C 193 -26.48 24.31 -11.18
CA THR C 193 -25.37 24.36 -10.22
C THR C 193 -24.27 23.43 -10.76
N VAL C 194 -23.04 23.89 -10.68
CA VAL C 194 -21.90 23.04 -10.99
C VAL C 194 -21.47 22.31 -9.73
N ASP C 195 -21.06 21.08 -9.90
CA ASP C 195 -20.55 20.27 -8.76
C ASP C 195 -19.19 20.84 -8.33
N ALA C 196 -18.94 20.86 -7.03
CA ALA C 196 -17.68 21.40 -6.47
C ALA C 196 -16.46 20.63 -6.96
N ARG C 197 -16.58 19.32 -7.17
CA ARG C 197 -15.41 18.54 -7.66
C ARG C 197 -15.16 18.85 -9.12
N VAL C 198 -16.25 19.02 -9.86
CA VAL C 198 -16.08 19.50 -11.22
C VAL C 198 -15.38 20.88 -11.26
N TYR C 199 -15.84 21.84 -10.50
CA TYR C 199 -15.30 23.18 -10.48
C TYR C 199 -13.84 23.23 -10.03
N SER C 200 -13.53 22.52 -8.98
CA SER C 200 -12.11 22.33 -8.54
C SER C 200 -11.19 21.82 -9.61
N TYR C 201 -11.69 20.84 -10.37
CA TYR C 201 -10.97 20.24 -11.48
C TYR C 201 -10.76 21.30 -12.53
N ALA C 202 -11.84 22.05 -12.81
CA ALA C 202 -11.77 23.12 -13.82
C ALA C 202 -10.76 24.26 -13.46
N LEU C 203 -10.75 24.71 -12.21
CA LEU C 203 -9.82 25.75 -11.75
C LEU C 203 -8.33 25.28 -11.92
N ALA C 204 -8.04 24.09 -11.42
CA ALA C 204 -6.68 23.50 -11.55
C ALA C 204 -6.21 23.41 -12.98
N LEU C 205 -7.16 23.13 -13.91
CA LEU C 205 -6.77 23.04 -15.29
C LEU C 205 -6.32 24.45 -15.72
N LYS C 206 -7.09 25.47 -15.33
CA LYS C 206 -6.74 26.86 -15.63
C LYS C 206 -5.42 27.28 -14.95
N HIS C 207 -5.24 26.91 -13.69
CA HIS C 207 -4.05 27.31 -12.90
C HIS C 207 -2.74 26.62 -13.25
N ALA C 208 -2.77 25.54 -14.01
CA ALA C 208 -1.55 24.72 -14.08
C ALA C 208 -0.49 25.35 -14.94
N LYS D 15 -38.86 21.36 -16.78
CA LYS D 15 -39.47 19.98 -16.84
C LYS D 15 -39.67 19.43 -15.42
N GLN D 16 -38.62 19.00 -14.72
CA GLN D 16 -38.79 18.47 -13.36
C GLN D 16 -38.90 19.57 -12.33
N TYR D 17 -39.63 19.33 -11.24
CA TYR D 17 -39.79 20.30 -10.18
C TYR D 17 -40.12 19.66 -8.86
N ILE D 18 -39.89 20.40 -7.79
CA ILE D 18 -40.20 20.00 -6.42
C ILE D 18 -41.68 20.26 -6.15
N ILE D 19 -42.35 19.29 -5.54
CA ILE D 19 -43.77 19.40 -5.17
C ILE D 19 -43.90 19.72 -3.68
N SER D 20 -43.11 19.05 -2.84
CA SER D 20 -43.16 19.27 -1.40
C SER D 20 -41.93 18.75 -0.73
N GLU D 21 -41.65 19.30 0.45
CA GLU D 21 -40.59 18.83 1.32
C GLU D 21 -41.11 18.55 2.76
N GLU D 22 -41.63 17.33 2.98
CA GLU D 22 -41.99 16.82 4.32
C GLU D 22 -40.74 16.75 5.22
N LEU D 23 -40.78 17.43 6.37
CA LEU D 23 -39.70 17.37 7.37
C LEU D 23 -39.77 16.05 8.11
N ILE D 24 -38.60 15.46 8.37
CA ILE D 24 -38.50 14.19 9.12
C ILE D 24 -37.76 14.35 10.44
N SER D 25 -36.77 15.24 10.51
CA SER D 25 -35.95 15.37 11.73
C SER D 25 -34.99 16.59 11.66
N GLU D 26 -35.29 17.62 12.45
CA GLU D 26 -34.43 18.80 12.60
C GLU D 26 -33.48 18.54 13.77
N GLY D 27 -32.61 19.50 14.10
CA GLY D 27 -31.66 19.30 15.21
C GLY D 27 -30.50 20.27 15.33
N LYS D 28 -29.51 19.87 16.13
CA LYS D 28 -28.28 20.64 16.43
C LYS D 28 -27.94 21.74 15.44
N TRP D 29 -27.64 21.35 14.19
CA TRP D 29 -27.42 22.28 13.09
C TRP D 29 -27.59 21.65 11.68
N VAL D 30 -28.52 20.70 11.55
CA VAL D 30 -28.76 20.00 10.28
C VAL D 30 -30.08 19.21 10.35
N LYS D 31 -30.78 19.14 9.21
CA LYS D 31 -32.11 18.51 9.14
C LYS D 31 -32.25 17.52 7.98
N LEU D 32 -33.30 16.70 8.05
CA LEU D 32 -33.58 15.64 7.04
C LEU D 32 -35.02 15.71 6.54
N GLU D 33 -35.28 15.34 5.27
CA GLU D 33 -36.57 15.53 4.60
C GLU D 33 -36.94 14.53 3.55
N LYS D 34 -38.23 14.20 3.48
CA LYS D 34 -38.82 13.43 2.38
C LYS D 34 -39.29 14.39 1.24
N THR D 35 -38.39 14.62 0.30
CA THR D 35 -38.64 15.42 -0.88
C THR D 35 -39.48 14.67 -1.91
N THR D 36 -40.62 15.25 -2.28
CA THR D 36 -41.40 14.75 -3.40
C THR D 36 -41.17 15.65 -4.60
N TYR D 37 -41.09 15.07 -5.79
CA TYR D 37 -40.78 15.86 -6.98
C TYR D 37 -41.37 15.17 -8.16
N MET D 38 -41.66 15.94 -9.21
CA MET D 38 -42.15 15.40 -10.47
C MET D 38 -41.04 15.09 -11.44
N ASP D 39 -40.99 13.85 -11.91
CA ASP D 39 -40.01 13.43 -12.89
C ASP D 39 -40.43 13.87 -14.29
N PRO D 40 -39.54 13.74 -15.28
CA PRO D 40 -39.89 14.25 -16.62
C PRO D 40 -41.08 13.56 -17.33
N THR D 41 -41.44 12.34 -16.91
CA THR D 41 -42.49 11.57 -17.56
C THR D 41 -43.88 11.83 -16.97
N GLY D 42 -44.00 12.83 -16.08
CA GLY D 42 -45.22 13.06 -15.29
C GLY D 42 -45.37 12.33 -13.95
N LYS D 43 -44.41 11.50 -13.58
CA LYS D 43 -44.54 10.62 -12.40
C LYS D 43 -44.02 11.23 -11.09
N THR D 44 -44.81 11.16 -10.03
CA THR D 44 -44.38 11.64 -8.72
C THR D 44 -43.37 10.65 -8.12
N ARG D 45 -42.28 11.16 -7.55
CA ARG D 45 -41.26 10.30 -6.91
C ARG D 45 -40.75 11.01 -5.68
N THR D 46 -40.13 10.25 -4.77
CA THR D 46 -39.59 10.84 -3.54
C THR D 46 -38.06 10.70 -3.41
N TRP D 47 -37.50 11.35 -2.40
CA TRP D 47 -36.06 11.36 -2.15
C TRP D 47 -35.78 11.81 -0.72
N GLU D 48 -34.77 11.25 -0.06
CA GLU D 48 -34.35 11.75 1.25
C GLU D 48 -33.14 12.61 1.03
N SER D 49 -33.23 13.82 1.56
CA SER D 49 -32.31 14.91 1.34
C SER D 49 -31.92 15.46 2.70
N VAL D 50 -30.77 16.10 2.76
CA VAL D 50 -30.24 16.70 3.97
C VAL D 50 -30.08 18.16 3.71
N LYS D 51 -30.30 19.02 4.72
CA LYS D 51 -29.93 20.43 4.60
C LYS D 51 -29.46 20.94 5.96
N ARG D 52 -28.63 21.98 5.95
CA ARG D 52 -28.20 22.66 7.18
C ARG D 52 -29.23 23.71 7.58
N THR D 53 -29.20 24.11 8.85
CA THR D 53 -30.17 25.09 9.39
C THR D 53 -29.49 26.37 9.87
N THR D 54 -28.38 26.74 9.22
CA THR D 54 -27.66 27.98 9.49
C THR D 54 -27.74 28.84 8.24
N ALA D 60 -24.69 30.98 -0.49
CA ALA D 60 -24.02 29.70 -0.24
C ALA D 60 -23.81 29.45 1.26
N ASP D 61 -23.80 28.21 1.72
CA ASP D 61 -23.41 27.90 3.13
C ASP D 61 -21.97 28.29 3.51
N GLY D 62 -20.99 27.76 2.76
CA GLY D 62 -19.58 27.98 3.06
C GLY D 62 -18.75 28.64 1.97
N VAL D 63 -17.48 28.89 2.35
CA VAL D 63 -16.36 29.08 1.41
C VAL D 63 -15.36 27.93 1.60
N ALA D 64 -14.63 27.60 0.53
CA ALA D 64 -13.40 26.79 0.61
C ALA D 64 -12.40 27.61 -0.06
N VAL D 65 -11.22 27.73 0.50
CA VAL D 65 -10.20 28.55 -0.10
C VAL D 65 -9.07 27.70 -0.76
N ILE D 66 -8.70 28.06 -1.98
CA ILE D 66 -7.55 27.51 -2.66
C ILE D 66 -6.34 28.46 -2.54
N PRO D 67 -5.46 28.19 -1.54
CA PRO D 67 -4.46 29.20 -1.24
C PRO D 67 -3.08 28.89 -1.86
N VAL D 68 -2.65 29.72 -2.81
CA VAL D 68 -1.41 29.60 -3.53
C VAL D 68 -0.28 30.55 -2.99
N LEU D 69 0.64 30.01 -2.23
CA LEU D 69 1.77 30.77 -1.64
C LEU D 69 2.89 31.04 -2.66
N GLN D 70 3.08 32.30 -3.07
CA GLN D 70 3.98 32.68 -4.15
C GLN D 70 5.21 33.48 -3.63
N ARG D 71 6.43 33.00 -3.90
CA ARG D 71 7.66 33.76 -3.64
C ARG D 71 8.47 33.82 -4.93
N THR D 72 9.05 34.99 -5.21
CA THR D 72 9.85 35.14 -6.42
C THR D 72 11.07 34.22 -6.35
N LEU D 73 11.50 33.75 -7.51
CA LEU D 73 12.59 32.81 -7.60
C LEU D 73 12.30 31.46 -6.89
N HIS D 74 11.03 31.13 -6.68
CA HIS D 74 10.66 29.91 -5.95
C HIS D 74 9.45 29.23 -6.60
N TYR D 75 9.27 27.95 -6.36
CA TYR D 75 8.05 27.17 -6.78
C TYR D 75 6.88 27.71 -5.98
N GLU D 76 5.65 27.51 -6.48
CA GLU D 76 4.40 27.76 -5.69
C GLU D 76 4.01 26.53 -4.86
N CYS D 77 3.27 26.77 -3.78
CA CYS D 77 2.80 25.76 -2.83
C CYS D 77 1.32 26.02 -2.53
N ILE D 78 0.60 24.95 -2.28
CA ILE D 78 -0.81 25.00 -1.99
C ILE D 78 -0.93 24.78 -0.52
N VAL D 79 -1.64 25.68 0.15
CA VAL D 79 -1.72 25.57 1.59
C VAL D 79 -3.03 24.87 1.94
N LEU D 80 -2.89 23.69 2.49
CA LEU D 80 -3.98 22.89 2.98
C LEU D 80 -3.95 22.91 4.46
N VAL D 81 -5.01 22.35 5.08
CA VAL D 81 -5.05 22.18 6.51
C VAL D 81 -5.51 20.82 6.81
N LYS D 82 -5.11 20.27 7.98
CA LYS D 82 -5.64 18.98 8.49
C LYS D 82 -6.30 19.29 9.78
N GLN D 83 -7.33 18.52 10.05
CA GLN D 83 -8.11 18.63 11.27
C GLN D 83 -8.95 17.40 11.40
N PHE D 84 -9.40 17.15 12.63
CA PHE D 84 -10.25 16.02 12.95
C PHE D 84 -11.66 16.41 12.59
N ARG D 85 -12.38 15.47 12.01
CA ARG D 85 -13.69 15.70 11.49
C ARG D 85 -14.51 14.64 12.15
N PRO D 86 -15.30 15.04 13.14
CA PRO D 86 -16.20 14.06 13.74
C PRO D 86 -16.99 13.19 12.84
N PRO D 87 -17.55 13.73 11.75
CA PRO D 87 -18.42 12.76 11.03
C PRO D 87 -17.62 11.66 10.25
N MET D 88 -16.39 11.97 9.88
CA MET D 88 -15.46 10.98 9.26
C MET D 88 -14.72 10.12 10.32
N GLY D 89 -14.75 10.55 11.58
CA GLY D 89 -14.01 9.90 12.65
C GLY D 89 -12.51 9.89 12.45
N GLY D 90 -11.96 10.90 11.78
CA GLY D 90 -10.56 10.81 11.40
C GLY D 90 -10.08 12.14 11.04
N TYR D 91 -8.81 12.25 10.71
CA TYR D 91 -8.28 13.52 10.29
C TYR D 91 -8.43 13.59 8.75
N CYS D 92 -8.67 14.80 8.21
CA CYS D 92 -8.96 14.92 6.81
C CYS D 92 -8.09 16.04 6.43
N ILE D 93 -7.59 15.97 5.20
CA ILE D 93 -6.81 17.05 4.63
C ILE D 93 -7.72 17.77 3.66
N GLU D 94 -7.81 19.11 3.82
CA GLU D 94 -8.76 19.91 3.04
C GLU D 94 -8.19 21.23 2.72
N PHE D 95 -8.88 21.92 1.83
CA PHE D 95 -8.61 23.32 1.58
C PHE D 95 -9.13 24.01 2.88
N PRO D 96 -8.54 25.14 3.28
CA PRO D 96 -9.14 25.86 4.41
C PRO D 96 -10.56 26.32 4.06
N ALA D 97 -11.51 26.01 4.95
CA ALA D 97 -12.93 26.23 4.66
C ALA D 97 -13.71 26.47 5.95
N GLY D 98 -15.03 26.64 5.81
CA GLY D 98 -15.95 26.69 6.95
C GLY D 98 -17.26 27.46 6.71
N LEU D 99 -17.90 27.82 7.82
CA LEU D 99 -19.19 28.55 7.81
C LEU D 99 -18.97 30.02 7.46
N ILE D 100 -20.05 30.70 7.08
CA ILE D 100 -20.04 32.16 6.88
C ILE D 100 -20.94 32.82 7.92
N ASP D 101 -20.46 33.94 8.46
CA ASP D 101 -21.23 34.77 9.41
C ASP D 101 -22.10 35.74 8.60
N ASP D 102 -23.35 35.94 9.03
CA ASP D 102 -24.33 36.74 8.27
C ASP D 102 -23.88 38.18 8.02
N GLY D 103 -24.01 38.65 6.78
CA GLY D 103 -23.63 40.00 6.37
C GLY D 103 -22.39 40.07 5.49
N GLU D 104 -21.43 39.19 5.77
CA GLU D 104 -20.12 39.16 5.10
C GLU D 104 -20.21 38.56 3.69
N THR D 105 -19.48 39.16 2.74
CA THR D 105 -19.38 38.65 1.36
C THR D 105 -18.51 37.35 1.33
N PRO D 106 -18.68 36.46 0.32
CA PRO D 106 -17.75 35.33 0.14
C PRO D 106 -16.25 35.71 0.15
N GLU D 107 -15.87 36.74 -0.61
CA GLU D 107 -14.47 37.13 -0.69
C GLU D 107 -13.92 37.36 0.72
N ALA D 108 -14.66 38.12 1.52
CA ALA D 108 -14.16 38.55 2.81
C ALA D 108 -14.08 37.34 3.74
N ALA D 109 -15.04 36.43 3.64
CA ALA D 109 -15.02 35.26 4.53
C ALA D 109 -13.84 34.32 4.17
N ALA D 110 -13.50 34.27 2.87
CA ALA D 110 -12.36 33.48 2.43
C ALA D 110 -11.10 34.05 3.06
N LEU D 111 -10.78 35.32 2.78
CA LEU D 111 -9.56 35.91 3.35
C LEU D 111 -9.58 35.76 4.87
N ARG D 112 -10.75 35.87 5.47
CA ARG D 112 -10.81 35.79 6.92
C ARG D 112 -10.54 34.41 7.39
N GLU D 113 -11.19 33.42 6.82
CA GLU D 113 -10.97 32.06 7.31
C GLU D 113 -9.58 31.49 6.92
N LEU D 114 -8.99 31.97 5.83
CA LEU D 114 -7.58 31.67 5.53
C LEU D 114 -6.64 32.32 6.55
N GLU D 115 -6.77 33.62 6.85
CA GLU D 115 -6.00 34.21 7.98
C GLU D 115 -6.31 33.51 9.32
N GLU D 116 -7.58 33.21 9.61
CA GLU D 116 -7.93 32.40 10.80
C GLU D 116 -7.23 31.07 10.86
N GLU D 117 -7.32 30.31 9.78
CA GLU D 117 -6.91 28.90 9.82
C GLU D 117 -5.41 28.70 9.52
N THR D 118 -4.80 29.68 8.85
CA THR D 118 -3.41 29.60 8.37
C THR D 118 -2.50 30.75 8.80
N GLY D 119 -3.07 31.88 9.15
CA GLY D 119 -2.29 33.05 9.49
C GLY D 119 -1.96 33.90 8.28
N TYR D 120 -2.15 33.41 7.05
CA TYR D 120 -1.72 34.17 5.87
C TYR D 120 -2.76 35.21 5.49
N LYS D 121 -2.31 36.31 4.90
CA LYS D 121 -3.14 37.39 4.41
C LYS D 121 -3.00 37.28 2.93
N GLY D 122 -4.16 37.08 2.27
CA GLY D 122 -4.26 36.77 0.86
C GLY D 122 -4.70 37.93 0.02
N ASP D 123 -4.65 37.73 -1.29
CA ASP D 123 -5.20 38.64 -2.27
C ASP D 123 -6.23 37.78 -3.02
N ILE D 124 -7.47 38.28 -3.13
CA ILE D 124 -8.51 37.58 -3.86
C ILE D 124 -8.11 37.59 -5.32
N ALA D 125 -7.98 36.40 -5.91
CA ALA D 125 -7.73 36.26 -7.35
C ALA D 125 -9.01 35.95 -8.10
N GLU D 126 -9.92 35.15 -7.54
CA GLU D 126 -11.21 34.85 -8.22
C GLU D 126 -12.10 34.09 -7.28
N CYS D 127 -13.39 34.07 -7.62
CA CYS D 127 -14.44 33.53 -6.76
C CYS D 127 -15.52 32.85 -7.64
N SER D 128 -15.87 31.63 -7.25
CA SER D 128 -16.80 30.83 -8.01
C SER D 128 -18.19 31.20 -7.61
N PRO D 129 -19.14 30.95 -8.51
CA PRO D 129 -20.52 30.95 -8.01
C PRO D 129 -20.71 29.77 -7.05
N ALA D 130 -21.87 29.67 -6.44
CA ALA D 130 -22.11 28.65 -5.49
C ALA D 130 -22.16 27.27 -6.20
N VAL D 131 -21.46 26.32 -5.59
CA VAL D 131 -21.25 25.01 -6.18
C VAL D 131 -21.70 23.99 -5.15
N CYS D 132 -22.26 22.87 -5.64
CA CYS D 132 -22.91 21.91 -4.77
C CYS D 132 -21.85 20.94 -4.24
N MET D 133 -22.00 20.61 -2.96
CA MET D 133 -21.09 19.73 -2.27
C MET D 133 -21.37 18.26 -2.53
N ASP D 134 -22.63 17.86 -2.49
CA ASP D 134 -22.96 16.45 -2.72
C ASP D 134 -24.43 16.40 -3.12
N PRO D 135 -24.74 16.76 -4.38
CA PRO D 135 -26.10 17.15 -4.70
C PRO D 135 -27.09 16.02 -4.58
N GLY D 136 -26.65 14.78 -4.74
CA GLY D 136 -27.49 13.60 -4.51
C GLY D 136 -27.89 13.39 -3.03
N LEU D 137 -27.35 14.17 -2.12
CA LEU D 137 -27.60 13.96 -0.70
C LEU D 137 -28.09 15.22 -0.06
N SER D 138 -27.38 16.31 -0.21
CA SER D 138 -27.68 17.54 0.50
C SER D 138 -27.85 18.71 -0.43
N ASN D 139 -28.22 19.86 0.14
CA ASN D 139 -28.37 21.10 -0.65
C ASN D 139 -27.16 21.98 -0.43
N CYS D 140 -26.11 21.43 0.21
CA CYS D 140 -25.10 22.33 0.73
C CYS D 140 -24.24 22.84 -0.41
N THR D 141 -23.86 24.09 -0.31
CA THR D 141 -23.09 24.74 -1.37
C THR D 141 -22.03 25.61 -0.77
N ILE D 142 -20.99 25.86 -1.56
CA ILE D 142 -19.90 26.75 -1.21
C ILE D 142 -19.52 27.65 -2.39
N HIS D 143 -18.83 28.73 -2.10
CA HIS D 143 -18.04 29.45 -3.08
C HIS D 143 -16.61 28.92 -2.94
N ILE D 144 -16.00 28.56 -4.07
CA ILE D 144 -14.57 28.24 -4.07
C ILE D 144 -13.75 29.46 -4.43
N VAL D 145 -12.92 29.92 -3.49
CA VAL D 145 -12.21 31.18 -3.66
C VAL D 145 -10.72 30.93 -3.81
N THR D 146 -10.14 31.47 -4.90
CA THR D 146 -8.74 31.28 -5.24
C THR D 146 -8.02 32.50 -4.66
N VAL D 147 -7.04 32.24 -3.81
CA VAL D 147 -6.34 33.28 -3.00
C VAL D 147 -4.80 33.18 -3.16
N THR D 148 -4.19 34.23 -3.70
CA THR D 148 -2.73 34.28 -3.82
C THR D 148 -2.19 34.94 -2.56
N ILE D 149 -1.11 34.36 -2.04
CA ILE D 149 -0.42 34.90 -0.87
C ILE D 149 0.91 35.45 -1.36
N ASN D 150 1.28 36.64 -0.87
CA ASN D 150 2.49 37.33 -1.33
C ASN D 150 3.50 37.00 -0.27
N GLY D 151 4.13 35.82 -0.38
CA GLY D 151 5.07 35.31 0.63
C GLY D 151 6.40 36.07 0.74
N ASP D 152 6.63 37.00 -0.21
CA ASP D 152 7.66 38.07 -0.13
C ASP D 152 7.26 39.38 0.61
N ASP D 153 6.10 39.38 1.27
CA ASP D 153 5.65 40.51 2.08
C ASP D 153 5.89 40.18 3.54
N ALA D 154 6.14 41.22 4.33
CA ALA D 154 6.49 41.09 5.74
C ALA D 154 5.43 40.31 6.53
N GLU D 155 4.15 40.64 6.35
CA GLU D 155 3.08 40.00 7.11
C GLU D 155 3.16 38.46 7.04
N ASN D 156 3.58 37.93 5.89
CA ASN D 156 3.55 36.48 5.63
C ASN D 156 4.89 35.74 5.80
N ALA D 157 5.89 36.35 6.44
CA ALA D 157 7.21 35.68 6.56
C ALA D 157 7.17 34.38 7.40
N ARG D 158 6.35 34.38 8.47
CA ARG D 158 6.08 33.17 9.27
C ARG D 158 4.88 33.40 10.20
N PRO D 159 3.68 33.60 9.62
CA PRO D 159 2.49 33.81 10.45
C PRO D 159 2.02 32.53 11.17
N LYS D 160 1.21 32.71 12.22
CA LYS D 160 0.55 31.61 12.96
C LYS D 160 -0.97 31.79 13.01
N PRO D 161 -1.72 30.67 13.07
CA PRO D 161 -3.17 30.75 12.95
C PRO D 161 -3.82 31.28 14.22
N LYS D 162 -5.00 31.88 14.06
CA LYS D 162 -5.82 32.32 15.19
C LYS D 162 -7.16 31.54 15.18
N PRO D 163 -7.17 30.29 15.67
CA PRO D 163 -8.43 29.53 15.70
C PRO D 163 -9.41 29.99 16.79
N GLY D 164 -10.71 29.80 16.54
CA GLY D 164 -11.76 30.01 17.55
C GLY D 164 -11.80 28.85 18.53
N ASP D 165 -12.74 28.90 19.49
CA ASP D 165 -12.87 27.83 20.49
C ASP D 165 -13.30 26.61 19.73
N GLY D 166 -12.79 25.46 20.14
CA GLY D 166 -12.98 24.21 19.43
C GLY D 166 -12.43 24.08 18.01
N GLU D 167 -11.54 24.98 17.58
CA GLU D 167 -10.90 24.88 16.25
C GLU D 167 -9.41 24.52 16.38
N PHE D 168 -9.04 23.35 15.85
CA PHE D 168 -7.67 22.79 15.96
C PHE D 168 -7.19 22.33 14.58
N VAL D 169 -6.38 23.17 13.95
CA VAL D 169 -6.01 23.03 12.54
C VAL D 169 -4.48 23.05 12.37
N GLU D 170 -3.95 22.04 11.69
CA GLU D 170 -2.55 22.03 11.25
C GLU D 170 -2.46 22.51 9.82
N VAL D 171 -1.54 23.45 9.54
CA VAL D 171 -1.22 23.93 8.21
C VAL D 171 -0.30 22.86 7.56
N ILE D 172 -0.59 22.49 6.30
CA ILE D 172 0.21 21.55 5.50
C ILE D 172 0.43 22.21 4.14
N SER D 173 1.60 22.83 3.95
CA SER D 173 1.95 23.43 2.68
C SER D 173 2.53 22.33 1.78
N LEU D 174 1.96 22.13 0.58
CA LEU D 174 2.55 21.19 -0.42
C LEU D 174 2.97 21.86 -1.70
N PRO D 175 4.03 21.31 -2.34
CA PRO D 175 4.39 21.96 -3.59
C PRO D 175 3.25 21.77 -4.61
N LYS D 176 2.90 22.83 -5.35
CA LYS D 176 1.92 22.74 -6.39
C LYS D 176 2.29 21.64 -7.43
N ASN D 177 3.57 21.59 -7.74
CA ASN D 177 4.10 20.76 -8.79
C ASN D 177 4.10 19.22 -8.54
N ASP D 178 3.86 18.77 -7.33
CA ASP D 178 3.78 17.35 -7.11
C ASP D 178 2.69 17.06 -6.14
N LEU D 179 1.60 17.85 -6.25
CA LEU D 179 0.52 17.78 -5.24
C LEU D 179 -0.07 16.43 -5.14
N LEU D 180 -0.40 15.85 -6.29
CA LEU D 180 -1.08 14.60 -6.34
C LEU D 180 -0.25 13.49 -5.70
N GLN D 181 1.03 13.37 -6.10
CA GLN D 181 1.87 12.30 -5.53
C GLN D 181 2.03 12.48 -3.99
N ARG D 182 2.18 13.71 -3.55
CA ARG D 182 2.34 14.03 -2.13
C ARG D 182 1.16 13.65 -1.34
N LEU D 183 -0.04 13.83 -1.93
CA LEU D 183 -1.26 13.38 -1.32
C LEU D 183 -1.40 11.90 -1.29
N ASP D 184 -0.99 11.22 -2.34
CA ASP D 184 -1.15 9.77 -2.37
C ASP D 184 -0.23 9.17 -1.33
N ALA D 185 0.96 9.76 -1.20
CA ALA D 185 1.94 9.36 -0.21
C ALA D 185 1.35 9.43 1.21
N LEU D 186 0.99 10.66 1.62
CA LEU D 186 0.32 10.88 2.94
C LEU D 186 -0.73 9.82 3.22
N VAL D 187 -1.50 9.50 2.21
CA VAL D 187 -2.55 8.52 2.36
C VAL D 187 -2.06 7.08 2.52
N ALA D 188 -0.92 6.76 1.88
CA ALA D 188 -0.41 5.39 1.96
C ALA D 188 0.21 5.12 3.35
N GLU D 189 0.69 6.21 3.99
CA GLU D 189 1.44 6.14 5.23
C GLU D 189 0.67 6.59 6.50
N GLU D 190 -0.32 7.47 6.39
CA GLU D 190 -1.02 7.99 7.58
C GLU D 190 -2.50 7.76 7.59
N HIS D 191 -3.04 7.78 8.80
CA HIS D 191 -4.42 7.42 9.06
C HIS D 191 -5.05 8.77 8.79
N LEU D 192 -5.45 9.00 7.53
CA LEU D 192 -6.14 10.22 7.17
C LEU D 192 -6.86 10.03 5.82
N THR D 193 -7.71 11.01 5.48
CA THR D 193 -8.51 11.05 4.26
C THR D 193 -8.31 12.40 3.55
N VAL D 194 -8.18 12.35 2.24
CA VAL D 194 -7.99 13.55 1.47
C VAL D 194 -9.39 13.88 1.04
N ASP D 195 -9.63 15.17 0.92
CA ASP D 195 -10.90 15.67 0.47
C ASP D 195 -11.04 15.56 -1.02
N ALA D 196 -12.26 15.30 -1.44
CA ALA D 196 -12.54 15.11 -2.86
C ALA D 196 -12.27 16.29 -3.74
N ARG D 197 -12.45 17.50 -3.22
N ARG D 197 -12.50 17.50 -3.22
CA ARG D 197 -12.21 18.70 -4.01
CA ARG D 197 -12.21 18.76 -3.93
C ARG D 197 -10.70 18.98 -4.14
C ARG D 197 -10.71 18.85 -4.17
N VAL D 198 -9.93 18.69 -3.09
CA VAL D 198 -8.45 18.76 -3.13
C VAL D 198 -7.88 17.75 -4.16
N TYR D 199 -8.36 16.54 -4.11
CA TYR D 199 -7.91 15.49 -4.95
C TYR D 199 -8.25 15.77 -6.41
N SER D 200 -9.47 16.22 -6.69
CA SER D 200 -9.86 16.60 -8.07
C SER D 200 -8.95 17.69 -8.54
N TYR D 201 -8.71 18.68 -7.68
CA TYR D 201 -7.76 19.78 -7.97
C TYR D 201 -6.38 19.23 -8.41
N ALA D 202 -5.88 18.33 -7.57
CA ALA D 202 -4.57 17.70 -7.77
C ALA D 202 -4.51 16.85 -9.08
N LEU D 203 -5.56 16.08 -9.34
CA LEU D 203 -5.68 15.34 -10.62
C LEU D 203 -5.54 16.25 -11.81
N ALA D 204 -6.31 17.32 -11.76
CA ALA D 204 -6.33 18.29 -12.86
C ALA D 204 -5.03 18.94 -13.12
N LEU D 205 -4.19 19.12 -12.09
CA LEU D 205 -2.85 19.68 -12.33
C LEU D 205 -1.99 18.74 -13.16
N LYS D 206 -2.21 17.45 -13.05
CA LYS D 206 -1.50 16.50 -13.88
C LYS D 206 -2.19 16.42 -15.25
N HIS D 207 -3.53 16.42 -15.26
CA HIS D 207 -4.28 16.28 -16.56
C HIS D 207 -4.17 17.46 -17.50
N ALA D 208 -3.98 18.65 -16.95
CA ALA D 208 -3.83 19.86 -17.78
C ALA D 208 -2.85 19.74 -18.93
N ASN D 209 -3.19 20.37 -20.03
CA ASN D 209 -2.29 20.58 -21.20
C ASN D 209 -1.85 19.29 -21.86
MG MG E . 24.19 -6.34 8.66
MG MG F . 25.90 -4.87 11.18
CL CL G . -2.75 -19.01 -2.13
N1 K2S H . 26.85 -29.51 -2.46
C4 K2S H . 25.91 -27.37 -2.97
C5 K2S H . 25.95 -30.94 -3.96
C6 K2S H . 25.60 -32.23 -4.56
N K2S H . 24.42 -27.79 -5.81
C K2S H . 25.30 -26.96 -6.66
O K2S H . 23.25 -29.96 -5.24
C1 K2S H . 23.35 -27.01 -5.23
C2 K2S H . 25.48 -29.67 -4.28
C3 K2S H . 26.08 -28.81 -3.27
N2 K2S H . 26.77 -30.80 -2.90
O1 K2S H . 25.17 -29.93 -6.73
S K2S H . 24.53 -29.41 -5.56
N1 K2S I . 33.81 -11.95 3.94
C4 K2S I . 34.19 -10.08 5.45
C5 K2S I . 31.94 -12.93 4.73
C6 K2S I . 30.91 -13.97 4.77
N K2S I . 31.79 -12.50 7.87
C K2S I . 33.03 -12.44 8.62
O K2S I . 29.89 -11.48 6.62
C1 K2S I . 31.02 -13.72 8.04
C2 K2S I . 32.18 -11.82 5.57
C3 K2S I . 33.41 -11.24 5.00
N2 K2S I . 32.91 -12.95 3.81
O1 K2S I . 31.72 -10.11 7.40
S K2S I . 31.29 -11.34 6.86
C1 EDO J . -10.50 -26.20 -4.47
O1 EDO J . -9.27 -26.37 -5.20
C2 EDO J . -11.06 -27.60 -4.17
O2 EDO J . -10.27 -28.27 -3.16
MG MG K . 14.81 -30.48 -3.09
MG MG L . 13.55 -33.07 -6.27
C1 EDO M . 24.66 -16.40 8.16
O1 EDO M . 25.11 -16.62 6.80
C2 EDO M . 24.19 -14.97 8.23
O2 EDO M . 23.07 -14.90 7.35
C1 EDO N . 19.92 -22.14 -4.44
O1 EDO N . 20.85 -21.82 -3.38
C2 EDO N . 18.91 -23.14 -3.91
O2 EDO N . 18.54 -22.81 -2.55
C1 EDO O . -12.01 1.22 -27.47
O1 EDO O . -13.15 1.95 -26.96
C2 EDO O . -10.83 1.24 -26.51
O2 EDO O . -11.02 0.18 -25.56
MG MG P . -26.07 6.51 -11.00
MG MG Q . -25.53 9.05 -11.15
N1 K2S R . -23.11 19.22 12.69
C4 K2S R . -23.00 19.62 10.26
C5 K2S R . -22.10 21.04 13.61
C6 K2S R . -21.63 21.90 14.72
N K2S R . -22.75 23.50 11.23
C K2S R . -22.93 24.80 11.90
O K2S R . -20.93 22.11 10.15
C1 K2S R . -23.88 23.20 10.31
C2 K2S R . -22.05 21.21 12.20
C3 K2S R . -22.72 20.01 11.67
N2 K2S R . -22.72 19.87 13.83
O1 K2S R . -20.52 23.14 12.31
S K2S R . -21.42 22.48 11.43
MG MG S . -12.54 25.09 9.57
MG MG T . -13.81 27.17 9.84
#